data_119D
# 
_entry.id   119D 
# 
_audit_conform.dict_name       mmcif_pdbx.dic 
_audit_conform.dict_version    5.385 
_audit_conform.dict_location   http://mmcif.pdb.org/dictionaries/ascii/mmcif_pdbx.dic 
# 
loop_
_database_2.database_id 
_database_2.database_code 
_database_2.pdbx_database_accession 
_database_2.pdbx_DOI 
PDB   119D         pdb_0000119d 10.2210/pdb119d/pdb 
RCSB  BDL042       ?            ?                   
WWPDB D_1000170047 ?            ?                   
# 
loop_
_pdbx_audit_revision_history.ordinal 
_pdbx_audit_revision_history.data_content_type 
_pdbx_audit_revision_history.major_revision 
_pdbx_audit_revision_history.minor_revision 
_pdbx_audit_revision_history.revision_date 
1 'Structure model' 1 0 1993-10-15 
2 'Structure model' 1 1 2008-05-22 
3 'Structure model' 1 2 2011-07-13 
4 'Structure model' 1 3 2024-02-07 
# 
_pdbx_audit_revision_details.ordinal             1 
_pdbx_audit_revision_details.revision_ordinal    1 
_pdbx_audit_revision_details.data_content_type   'Structure model' 
_pdbx_audit_revision_details.provider            repository 
_pdbx_audit_revision_details.type                'Initial release' 
_pdbx_audit_revision_details.description         ? 
_pdbx_audit_revision_details.details             ? 
# 
loop_
_pdbx_audit_revision_group.ordinal 
_pdbx_audit_revision_group.revision_ordinal 
_pdbx_audit_revision_group.data_content_type 
_pdbx_audit_revision_group.group 
1 2 'Structure model' 'Version format compliance' 
2 3 'Structure model' 'Version format compliance' 
3 4 'Structure model' 'Data collection'           
4 4 'Structure model' 'Database references'       
5 4 'Structure model' 'Derived calculations'      
# 
loop_
_pdbx_audit_revision_category.ordinal 
_pdbx_audit_revision_category.revision_ordinal 
_pdbx_audit_revision_category.data_content_type 
_pdbx_audit_revision_category.category 
1 4 'Structure model' chem_comp_atom 
2 4 'Structure model' chem_comp_bond 
3 4 'Structure model' database_2     
4 4 'Structure model' struct_site    
# 
loop_
_pdbx_audit_revision_item.ordinal 
_pdbx_audit_revision_item.revision_ordinal 
_pdbx_audit_revision_item.data_content_type 
_pdbx_audit_revision_item.item 
1 4 'Structure model' '_database_2.pdbx_DOI'                
2 4 'Structure model' '_database_2.pdbx_database_accession' 
3 4 'Structure model' '_struct_site.pdbx_auth_asym_id'      
4 4 'Structure model' '_struct_site.pdbx_auth_comp_id'      
5 4 'Structure model' '_struct_site.pdbx_auth_seq_id'       
# 
_pdbx_database_status.status_code                     REL 
_pdbx_database_status.entry_id                        119D 
_pdbx_database_status.recvd_initial_deposition_date   1993-04-14 
_pdbx_database_status.deposit_site                    BNL 
_pdbx_database_status.process_site                    NDB 
_pdbx_database_status.status_code_sf                  REL 
_pdbx_database_status.status_code_mr                  ? 
_pdbx_database_status.SG_entry                        ? 
_pdbx_database_status.pdb_format_compatible           Y 
_pdbx_database_status.status_code_cs                  ? 
_pdbx_database_status.status_code_nmr_data            ? 
_pdbx_database_status.methods_development_category    ? 
# 
loop_
_audit_author.name 
_audit_author.pdbx_ordinal 
'Leonard, G.A.' 1 
'Hunter, W.N.'  2 
# 
_citation.id                        primary 
_citation.title                     'Crystal and molecular structure of d(CGTAGATCTACG) at 2.25 A resolution.' 
_citation.journal_abbrev            J.Mol.Biol. 
_citation.journal_volume            234 
_citation.page_first                198 
_citation.page_last                 208 
_citation.year                      1993 
_citation.journal_id_ASTM           JMOBAK 
_citation.country                   UK 
_citation.journal_id_ISSN           0022-2836 
_citation.journal_id_CSD            0070 
_citation.book_publisher            ? 
_citation.pdbx_database_id_PubMed   8230199 
_citation.pdbx_database_id_DOI      10.1006/jmbi.1993.1574 
# 
loop_
_citation_author.citation_id 
_citation_author.name 
_citation_author.ordinal 
_citation_author.identifier_ORCID 
primary 'Leonard, G.A.' 1 ? 
primary 'Hunter, W.N.'  2 ? 
# 
loop_
_entity.id 
_entity.type 
_entity.src_method 
_entity.pdbx_description 
_entity.formula_weight 
_entity.pdbx_number_of_molecules 
_entity.pdbx_ec 
_entity.pdbx_mutation 
_entity.pdbx_fragment 
_entity.details 
1 polymer     syn 
;DNA (5'-D(*CP*GP*TP*AP*GP*AP*TP*CP*TP*AP*CP*G)-3')
;
3662.404 2   ? ? ? ? 
2 non-polymer syn 'MAGNESIUM ION'                                      24.305   1   ? ? ? ? 
3 water       nat water                                                18.015   137 ? ? ? ? 
# 
_entity_poly.entity_id                      1 
_entity_poly.type                           polydeoxyribonucleotide 
_entity_poly.nstd_linkage                   no 
_entity_poly.nstd_monomer                   no 
_entity_poly.pdbx_seq_one_letter_code       '(DC)(DG)(DT)(DA)(DG)(DA)(DT)(DC)(DT)(DA)(DC)(DG)' 
_entity_poly.pdbx_seq_one_letter_code_can   CGTAGATCTACG 
_entity_poly.pdbx_strand_id                 A,B 
_entity_poly.pdbx_target_identifier         ? 
# 
loop_
_pdbx_entity_nonpoly.entity_id 
_pdbx_entity_nonpoly.name 
_pdbx_entity_nonpoly.comp_id 
2 'MAGNESIUM ION' MG  
3 water           HOH 
# 
loop_
_entity_poly_seq.entity_id 
_entity_poly_seq.num 
_entity_poly_seq.mon_id 
_entity_poly_seq.hetero 
1 1  DC n 
1 2  DG n 
1 3  DT n 
1 4  DA n 
1 5  DG n 
1 6  DA n 
1 7  DT n 
1 8  DC n 
1 9  DT n 
1 10 DA n 
1 11 DC n 
1 12 DG n 
# 
loop_
_chem_comp.id 
_chem_comp.type 
_chem_comp.mon_nstd_flag 
_chem_comp.name 
_chem_comp.pdbx_synonyms 
_chem_comp.formula 
_chem_comp.formula_weight 
DA  'DNA linking' y "2'-DEOXYADENOSINE-5'-MONOPHOSPHATE" ? 'C10 H14 N5 O6 P' 331.222 
DC  'DNA linking' y "2'-DEOXYCYTIDINE-5'-MONOPHOSPHATE"  ? 'C9 H14 N3 O7 P'  307.197 
DG  'DNA linking' y "2'-DEOXYGUANOSINE-5'-MONOPHOSPHATE" ? 'C10 H14 N5 O7 P' 347.221 
DT  'DNA linking' y "THYMIDINE-5'-MONOPHOSPHATE"         ? 'C10 H15 N2 O8 P' 322.208 
HOH non-polymer   . WATER                                ? 'H2 O'            18.015  
MG  non-polymer   . 'MAGNESIUM ION'                      ? 'Mg 2'            24.305  
# 
loop_
_pdbx_poly_seq_scheme.asym_id 
_pdbx_poly_seq_scheme.entity_id 
_pdbx_poly_seq_scheme.seq_id 
_pdbx_poly_seq_scheme.mon_id 
_pdbx_poly_seq_scheme.ndb_seq_num 
_pdbx_poly_seq_scheme.pdb_seq_num 
_pdbx_poly_seq_scheme.auth_seq_num 
_pdbx_poly_seq_scheme.pdb_mon_id 
_pdbx_poly_seq_scheme.auth_mon_id 
_pdbx_poly_seq_scheme.pdb_strand_id 
_pdbx_poly_seq_scheme.pdb_ins_code 
_pdbx_poly_seq_scheme.hetero 
A 1 1  DC 1  1  1  DC C A . n 
A 1 2  DG 2  2  2  DG G A . n 
A 1 3  DT 3  3  3  DT T A . n 
A 1 4  DA 4  4  4  DA A A . n 
A 1 5  DG 5  5  5  DG G A . n 
A 1 6  DA 6  6  6  DA A A . n 
A 1 7  DT 7  7  7  DT T A . n 
A 1 8  DC 8  8  8  DC C A . n 
A 1 9  DT 9  9  9  DT T A . n 
A 1 10 DA 10 10 10 DA A A . n 
A 1 11 DC 11 11 11 DC C A . n 
A 1 12 DG 12 12 12 DG G A . n 
B 1 1  DC 1  13 13 DC C B . n 
B 1 2  DG 2  14 14 DG G B . n 
B 1 3  DT 3  15 15 DT T B . n 
B 1 4  DA 4  16 16 DA A B . n 
B 1 5  DG 5  17 17 DG G B . n 
B 1 6  DA 6  18 18 DA A B . n 
B 1 7  DT 7  19 19 DT T B . n 
B 1 8  DC 8  20 20 DC C B . n 
B 1 9  DT 9  21 21 DT T B . n 
B 1 10 DA 10 22 22 DA A B . n 
B 1 11 DC 11 23 23 DC C B . n 
B 1 12 DG 12 24 24 DG G B . n 
# 
loop_
_pdbx_nonpoly_scheme.asym_id 
_pdbx_nonpoly_scheme.entity_id 
_pdbx_nonpoly_scheme.mon_id 
_pdbx_nonpoly_scheme.ndb_seq_num 
_pdbx_nonpoly_scheme.pdb_seq_num 
_pdbx_nonpoly_scheme.auth_seq_num 
_pdbx_nonpoly_scheme.pdb_mon_id 
_pdbx_nonpoly_scheme.auth_mon_id 
_pdbx_nonpoly_scheme.pdb_strand_id 
_pdbx_nonpoly_scheme.pdb_ins_code 
C 2 MG  1  25  25  MG  MG  A . 
D 3 HOH 1  26  26  HOH HOH A . 
D 3 HOH 2  27  27  HOH HOH A . 
D 3 HOH 3  28  28  HOH HOH A . 
D 3 HOH 4  32  32  HOH HOH A . 
D 3 HOH 5  34  34  HOH HOH A . 
D 3 HOH 6  36  36  HOH HOH A . 
D 3 HOH 7  37  37  HOH HOH A . 
D 3 HOH 8  38  38  HOH HOH A . 
D 3 HOH 9  39  39  HOH HOH A . 
D 3 HOH 10 40  40  HOH HOH A . 
D 3 HOH 11 42  42  HOH HOH A . 
D 3 HOH 12 43  43  HOH HOH A . 
D 3 HOH 13 44  44  HOH HOH A . 
D 3 HOH 14 46  46  HOH HOH A . 
D 3 HOH 15 47  47  HOH HOH A . 
D 3 HOH 16 55  55  HOH HOH A . 
D 3 HOH 17 56  56  HOH HOH A . 
D 3 HOH 18 57  57  HOH HOH A . 
D 3 HOH 19 58  58  HOH HOH A . 
D 3 HOH 20 60  60  HOH HOH A . 
D 3 HOH 21 61  61  HOH HOH A . 
D 3 HOH 22 62  62  HOH HOH A . 
D 3 HOH 23 63  63  HOH HOH A . 
D 3 HOH 24 64  64  HOH HOH A . 
D 3 HOH 25 65  65  HOH HOH A . 
D 3 HOH 26 66  66  HOH HOH A . 
D 3 HOH 27 67  67  HOH HOH A . 
D 3 HOH 28 74  74  HOH HOH A . 
D 3 HOH 29 75  75  HOH HOH A . 
D 3 HOH 30 77  77  HOH HOH A . 
D 3 HOH 31 78  78  HOH HOH A . 
D 3 HOH 32 79  79  HOH HOH A . 
D 3 HOH 33 84  84  HOH HOH A . 
D 3 HOH 34 86  86  HOH HOH A . 
D 3 HOH 35 87  87  HOH HOH A . 
D 3 HOH 36 88  88  HOH HOH A . 
D 3 HOH 37 89  89  HOH HOH A . 
D 3 HOH 38 90  90  HOH HOH A . 
D 3 HOH 39 91  91  HOH HOH A . 
D 3 HOH 40 98  98  HOH HOH A . 
D 3 HOH 41 100 100 HOH HOH A . 
D 3 HOH 42 101 101 HOH HOH A . 
D 3 HOH 43 102 102 HOH HOH A . 
D 3 HOH 44 107 107 HOH HOH A . 
D 3 HOH 45 108 108 HOH HOH A . 
D 3 HOH 46 112 112 HOH HOH A . 
D 3 HOH 47 115 115 HOH HOH A . 
D 3 HOH 48 116 116 HOH HOH A . 
D 3 HOH 49 117 117 HOH HOH A . 
D 3 HOH 50 118 118 HOH HOH A . 
D 3 HOH 51 129 129 HOH HOH A . 
D 3 HOH 52 130 130 HOH HOH A . 
D 3 HOH 53 136 136 HOH HOH A . 
D 3 HOH 54 137 137 HOH HOH A . 
D 3 HOH 55 139 139 HOH HOH A . 
D 3 HOH 56 140 140 HOH HOH A . 
D 3 HOH 57 141 141 HOH HOH A . 
D 3 HOH 58 142 142 HOH HOH A . 
D 3 HOH 59 144 144 HOH HOH A . 
D 3 HOH 60 145 145 HOH HOH A . 
D 3 HOH 61 146 146 HOH HOH A . 
D 3 HOH 62 148 148 HOH HOH A . 
D 3 HOH 63 153 153 HOH HOH A . 
D 3 HOH 64 154 154 HOH HOH A . 
D 3 HOH 65 156 156 HOH HOH A . 
D 3 HOH 66 157 157 HOH HOH A . 
D 3 HOH 67 158 158 HOH HOH A . 
D 3 HOH 68 161 161 HOH HOH A . 
D 3 HOH 69 162 162 HOH HOH A . 
E 3 HOH 1  29  29  HOH HOH B . 
E 3 HOH 2  30  30  HOH HOH B . 
E 3 HOH 3  31  31  HOH HOH B . 
E 3 HOH 4  33  33  HOH HOH B . 
E 3 HOH 5  35  35  HOH HOH B . 
E 3 HOH 6  41  41  HOH HOH B . 
E 3 HOH 7  45  45  HOH HOH B . 
E 3 HOH 8  48  48  HOH HOH B . 
E 3 HOH 9  49  49  HOH HOH B . 
E 3 HOH 10 50  50  HOH HOH B . 
E 3 HOH 11 51  51  HOH HOH B . 
E 3 HOH 12 52  52  HOH HOH B . 
E 3 HOH 13 53  53  HOH HOH B . 
E 3 HOH 14 54  54  HOH HOH B . 
E 3 HOH 15 59  59  HOH HOH B . 
E 3 HOH 16 68  68  HOH HOH B . 
E 3 HOH 17 69  69  HOH HOH B . 
E 3 HOH 18 70  70  HOH HOH B . 
E 3 HOH 19 71  71  HOH HOH B . 
E 3 HOH 20 72  72  HOH HOH B . 
E 3 HOH 21 73  73  HOH HOH B . 
E 3 HOH 22 76  76  HOH HOH B . 
E 3 HOH 23 80  80  HOH HOH B . 
E 3 HOH 24 81  81  HOH HOH B . 
E 3 HOH 25 82  82  HOH HOH B . 
E 3 HOH 26 83  83  HOH HOH B . 
E 3 HOH 27 85  85  HOH HOH B . 
E 3 HOH 28 92  92  HOH HOH B . 
E 3 HOH 29 93  93  HOH HOH B . 
E 3 HOH 30 94  94  HOH HOH B . 
E 3 HOH 31 95  95  HOH HOH B . 
E 3 HOH 32 96  96  HOH HOH B . 
E 3 HOH 33 97  97  HOH HOH B . 
E 3 HOH 34 99  99  HOH HOH B . 
E 3 HOH 35 103 103 HOH HOH B . 
E 3 HOH 36 104 104 HOH HOH B . 
E 3 HOH 37 105 105 HOH HOH B . 
E 3 HOH 38 106 106 HOH HOH B . 
E 3 HOH 39 109 109 HOH HOH B . 
E 3 HOH 40 110 110 HOH HOH B . 
E 3 HOH 41 111 111 HOH HOH B . 
E 3 HOH 42 113 113 HOH HOH B . 
E 3 HOH 43 114 114 HOH HOH B . 
E 3 HOH 44 119 119 HOH HOH B . 
E 3 HOH 45 120 120 HOH HOH B . 
E 3 HOH 46 121 121 HOH HOH B . 
E 3 HOH 47 122 122 HOH HOH B . 
E 3 HOH 48 123 123 HOH HOH B . 
E 3 HOH 49 124 124 HOH HOH B . 
E 3 HOH 50 125 125 HOH HOH B . 
E 3 HOH 51 126 126 HOH HOH B . 
E 3 HOH 52 127 127 HOH HOH B . 
E 3 HOH 53 128 128 HOH HOH B . 
E 3 HOH 54 131 131 HOH HOH B . 
E 3 HOH 55 132 132 HOH HOH B . 
E 3 HOH 56 133 133 HOH HOH B . 
E 3 HOH 57 134 134 HOH HOH B . 
E 3 HOH 58 135 135 HOH HOH B . 
E 3 HOH 59 138 138 HOH HOH B . 
E 3 HOH 60 143 143 HOH HOH B . 
E 3 HOH 61 147 147 HOH HOH B . 
E 3 HOH 62 149 149 HOH HOH B . 
E 3 HOH 63 150 150 HOH HOH B . 
E 3 HOH 64 151 151 HOH HOH B . 
E 3 HOH 65 152 152 HOH HOH B . 
E 3 HOH 66 155 155 HOH HOH B . 
E 3 HOH 67 159 159 HOH HOH B . 
E 3 HOH 68 160 160 HOH HOH B . 
# 
_software.name             NUCLSQ 
_software.classification   refinement 
_software.version          . 
_software.citation_id      ? 
_software.pdbx_ordinal     1 
# 
_cell.entry_id           119D 
_cell.length_a           64.840 
_cell.length_b           35.360 
_cell.length_c           25.350 
_cell.angle_alpha        90.00 
_cell.angle_beta         92.24 
_cell.angle_gamma        90.00 
_cell.Z_PDB              8 
_cell.pdbx_unique_axis   ? 
# 
_symmetry.entry_id                         119D 
_symmetry.space_group_name_H-M             'C 1 2 1' 
_symmetry.pdbx_full_space_group_name_H-M   ? 
_symmetry.cell_setting                     ? 
_symmetry.Int_Tables_number                5 
# 
_exptl.entry_id          119D 
_exptl.method            'X-RAY DIFFRACTION' 
_exptl.crystals_number   ? 
# 
_exptl_crystal.id                    1 
_exptl_crystal.density_meas          ? 
_exptl_crystal.density_Matthews      1.98 
_exptl_crystal.density_percent_sol   37.95 
_exptl_crystal.description           ? 
# 
_exptl_crystal_grow.crystal_id      1 
_exptl_crystal_grow.method          'VAPOR DIFFUSION, SITTING DROP' 
_exptl_crystal_grow.temp            277.00 
_exptl_crystal_grow.temp_details    ? 
_exptl_crystal_grow.pH              6.50 
_exptl_crystal_grow.pdbx_details    'pH 6.50, VAPOR DIFFUSION, SITTING DROP, temperature 277.00K' 
_exptl_crystal_grow.pdbx_pH_range   ? 
# 
loop_
_exptl_crystal_grow_comp.crystal_id 
_exptl_crystal_grow_comp.id 
_exptl_crystal_grow_comp.sol_id 
_exptl_crystal_grow_comp.name 
_exptl_crystal_grow_comp.volume 
_exptl_crystal_grow_comp.conc 
_exptl_crystal_grow_comp.details 
1 1 1 WATER           ? ? ? 
1 2 1 HEXANE-1,6-DIOL ? ? ? 
1 3 1 'NA CACODYLATE' ? ? ? 
1 4 1 MGCL2           ? ? ? 
1 5 1 SPERMINE_HCL    ? ? ? 
1 6 2 WATER           ? ? ? 
1 7 2 HEXANE-1,6-DIOL ? ? ? 
# 
_diffrn.id                     1 
_diffrn.ambient_temp           288.00 
_diffrn.ambient_temp_details   ? 
_diffrn.crystal_id             1 
# 
_diffrn_detector.diffrn_id              1 
_diffrn_detector.detector               DIFFRACTOMETER 
_diffrn_detector.type                   SYNTEX 
_diffrn_detector.pdbx_collection_date   ? 
_diffrn_detector.details                ? 
# 
_diffrn_radiation.diffrn_id                        1 
_diffrn_radiation.wavelength_id                    1 
_diffrn_radiation.pdbx_monochromatic_or_laue_m_l   ? 
_diffrn_radiation.monochromator                    ? 
_diffrn_radiation.pdbx_diffrn_protocol             ? 
_diffrn_radiation.pdbx_scattering_type             x-ray 
# 
_diffrn_radiation_wavelength.id           1 
_diffrn_radiation_wavelength.wavelength   1.5418 
_diffrn_radiation_wavelength.wt           1.0 
# 
_diffrn_source.diffrn_id                   1 
_diffrn_source.source                      'SEALED TUBE' 
_diffrn_source.type                        ? 
_diffrn_source.pdbx_synchrotron_site       ? 
_diffrn_source.pdbx_synchrotron_beamline   ? 
_diffrn_source.pdbx_wavelength             1.5418 
_diffrn_source.pdbx_wavelength_list        ? 
# 
_reflns.entry_id                     119D 
_reflns.observed_criterion_sigma_I   ? 
_reflns.observed_criterion_sigma_F   ? 
_reflns.d_resolution_low             ? 
_reflns.d_resolution_high            2.200 
_reflns.number_obs                   3982 
_reflns.number_all                   7266 
_reflns.percent_possible_obs         ? 
_reflns.pdbx_Rmerge_I_obs            ? 
_reflns.pdbx_Rsym_value              0.0400000 
_reflns.pdbx_netI_over_sigmaI        ? 
_reflns.B_iso_Wilson_estimate        ? 
_reflns.pdbx_redundancy              ? 
_reflns.pdbx_diffrn_id               1 
_reflns.pdbx_ordinal                 1 
# 
_refine.entry_id                                 119D 
_refine.ls_number_reflns_obs                     2120 
_refine.ls_number_reflns_all                     ? 
_refine.pdbx_ls_sigma_I                          ? 
_refine.pdbx_ls_sigma_F                          2.000 
_refine.pdbx_data_cutoff_high_absF               ? 
_refine.pdbx_data_cutoff_low_absF                ? 
_refine.pdbx_data_cutoff_high_rms_absF           ? 
_refine.ls_d_res_low                             7.000 
_refine.ls_d_res_high                            2.250 
_refine.ls_percent_reflns_obs                    ? 
_refine.ls_R_factor_obs                          0.1380000 
_refine.ls_R_factor_all                          ? 
_refine.ls_R_factor_R_work                       ? 
_refine.ls_R_factor_R_free                       ? 
_refine.ls_R_factor_R_free_error                 ? 
_refine.ls_R_factor_R_free_error_details         ? 
_refine.ls_percent_reflns_R_free                 ? 
_refine.ls_number_reflns_R_free                  ? 
_refine.ls_number_parameters                     ? 
_refine.ls_number_restraints                     ? 
_refine.occupancy_min                            ? 
_refine.occupancy_max                            ? 
_refine.B_iso_mean                               ? 
_refine.aniso_B[1][1]                            ? 
_refine.aniso_B[2][2]                            ? 
_refine.aniso_B[3][3]                            ? 
_refine.aniso_B[1][2]                            ? 
_refine.aniso_B[1][3]                            ? 
_refine.aniso_B[2][3]                            ? 
_refine.solvent_model_details                    ? 
_refine.solvent_model_param_ksol                 ? 
_refine.solvent_model_param_bsol                 ? 
_refine.pdbx_ls_cross_valid_method               ? 
_refine.details                                  ? 
_refine.pdbx_starting_model                      ? 
_refine.pdbx_method_to_determine_struct          ? 
_refine.pdbx_isotropic_thermal_model             ? 
_refine.pdbx_stereochemistry_target_values       ? 
_refine.pdbx_stereochem_target_val_spec_case     ? 
_refine.pdbx_R_Free_selection_details            ? 
_refine.pdbx_overall_ESU_R                       ? 
_refine.pdbx_overall_ESU_R_Free                  ? 
_refine.overall_SU_ML                            ? 
_refine.overall_SU_B                             ? 
_refine.pdbx_refine_id                           'X-RAY DIFFRACTION' 
_refine.pdbx_diffrn_id                           1 
_refine.pdbx_TLS_residual_ADP_flag               ? 
_refine.correlation_coeff_Fo_to_Fc               ? 
_refine.correlation_coeff_Fo_to_Fc_free          ? 
_refine.pdbx_solvent_vdw_probe_radii             ? 
_refine.pdbx_solvent_ion_probe_radii             ? 
_refine.pdbx_solvent_shrinkage_radii             ? 
_refine.pdbx_overall_phase_error                 ? 
_refine.overall_SU_R_Cruickshank_DPI             ? 
_refine.pdbx_overall_SU_R_free_Cruickshank_DPI   ? 
_refine.pdbx_overall_SU_R_Blow_DPI               ? 
_refine.pdbx_overall_SU_R_free_Blow_DPI          ? 
# 
_refine_hist.pdbx_refine_id                   'X-RAY DIFFRACTION' 
_refine_hist.cycle_id                         LAST 
_refine_hist.pdbx_number_atoms_protein        0 
_refine_hist.pdbx_number_atoms_nucleic_acid   486 
_refine_hist.pdbx_number_atoms_ligand         1 
_refine_hist.number_atoms_solvent             137 
_refine_hist.number_atoms_total               624 
_refine_hist.d_res_high                       2.250 
_refine_hist.d_res_low                        7.000 
# 
loop_
_refine_ls_restr.type 
_refine_ls_restr.dev_ideal 
_refine_ls_restr.dev_ideal_target 
_refine_ls_restr.weight 
_refine_ls_restr.number 
_refine_ls_restr.pdbx_refine_id 
_refine_ls_restr.pdbx_restraint_function 
n_bond_d               ?     ? ? ? 'X-RAY DIFFRACTION' ? 
n_angle_d              ?     ? ? ? 'X-RAY DIFFRACTION' ? 
n_planar_d             ?     ? ? ? 'X-RAY DIFFRACTION' ? 
n_hb_or_metal_coord    ?     ? ? ? 'X-RAY DIFFRACTION' ? 
n_sugar_bond_it        ?     ? ? ? 'X-RAY DIFFRACTION' ? 
n_sugar_angle_it       ?     ? ? ? 'X-RAY DIFFRACTION' ? 
n_phos_bond_it         ?     ? ? ? 'X-RAY DIFFRACTION' ? 
n_phos_angle_it        ?     ? ? ? 'X-RAY DIFFRACTION' ? 
n_bond_angle_restr     ?     ? ? ? 'X-RAY DIFFRACTION' ? 
n_dihedral_angle_restr ?     ? ? ? 'X-RAY DIFFRACTION' ? 
n_impr_tor             ?     ? ? ? 'X-RAY DIFFRACTION' ? 
n_sugar_bond_d         0.011 ? ? ? 'X-RAY DIFFRACTION' ? 
n_sugar_bond_angle_d   0.011 ? ? ? 'X-RAY DIFFRACTION' ? 
n_phos_bond_d          0.026 ? ? ? 'X-RAY DIFFRACTION' ? 
n_phos_bond_angle_d    0.021 ? ? ? 'X-RAY DIFFRACTION' ? 
n_plane_restr          ?     ? ? ? 'X-RAY DIFFRACTION' ? 
n_chiral_restr         ?     ? ? ? 'X-RAY DIFFRACTION' ? 
n_singtor_nbd          ?     ? ? ? 'X-RAY DIFFRACTION' ? 
n_multtor_nbd          ?     ? ? ? 'X-RAY DIFFRACTION' ? 
n_xhyhbond_nbd         ?     ? ? ? 'X-RAY DIFFRACTION' ? 
# 
_struct.entry_id                  119D 
_struct.title                     'CRYSTAL AND MOLECULAR STRUCTURE OF D(CGTAGATCTACG) AT 2.25 ANGSTROMS RESOLUTION' 
_struct.pdbx_model_details        ? 
_struct.pdbx_CASP_flag            ? 
_struct.pdbx_model_type_details   ? 
# 
_struct_keywords.entry_id        119D 
_struct_keywords.pdbx_keywords   DNA 
_struct_keywords.text            'B-DNA, DOUBLE HELIX, DNA' 
# 
loop_
_struct_asym.id 
_struct_asym.pdbx_blank_PDB_chainid_flag 
_struct_asym.pdbx_modified 
_struct_asym.entity_id 
_struct_asym.details 
A N N 1 ? 
B N N 1 ? 
C N N 2 ? 
D N N 3 ? 
E N N 3 ? 
# 
_struct_ref.id                         1 
_struct_ref.entity_id                  1 
_struct_ref.db_name                    PDB 
_struct_ref.db_code                    119D 
_struct_ref.pdbx_db_accession          119D 
_struct_ref.pdbx_db_isoform            ? 
_struct_ref.pdbx_seq_one_letter_code   ? 
_struct_ref.pdbx_align_begin           ? 
# 
loop_
_struct_ref_seq.align_id 
_struct_ref_seq.ref_id 
_struct_ref_seq.pdbx_PDB_id_code 
_struct_ref_seq.pdbx_strand_id 
_struct_ref_seq.seq_align_beg 
_struct_ref_seq.pdbx_seq_align_beg_ins_code 
_struct_ref_seq.seq_align_end 
_struct_ref_seq.pdbx_seq_align_end_ins_code 
_struct_ref_seq.pdbx_db_accession 
_struct_ref_seq.db_align_beg 
_struct_ref_seq.pdbx_db_align_beg_ins_code 
_struct_ref_seq.db_align_end 
_struct_ref_seq.pdbx_db_align_end_ins_code 
_struct_ref_seq.pdbx_auth_seq_align_beg 
_struct_ref_seq.pdbx_auth_seq_align_end 
1 1 119D A 1 ? 12 ? 119D 1  ? 12 ? 1  12 
2 1 119D B 1 ? 12 ? 119D 13 ? 24 ? 13 24 
# 
_pdbx_struct_assembly.id                   1 
_pdbx_struct_assembly.details              author_defined_assembly 
_pdbx_struct_assembly.method_details       ? 
_pdbx_struct_assembly.oligomeric_details   dimeric 
_pdbx_struct_assembly.oligomeric_count     2 
# 
_pdbx_struct_assembly_gen.assembly_id       1 
_pdbx_struct_assembly_gen.oper_expression   1 
_pdbx_struct_assembly_gen.asym_id_list      A,B,C,D,E 
# 
_pdbx_struct_oper_list.id                   1 
_pdbx_struct_oper_list.type                 'identity operation' 
_pdbx_struct_oper_list.name                 1_555 
_pdbx_struct_oper_list.symmetry_operation   x,y,z 
_pdbx_struct_oper_list.matrix[1][1]         1.0000000000 
_pdbx_struct_oper_list.matrix[1][2]         0.0000000000 
_pdbx_struct_oper_list.matrix[1][3]         0.0000000000 
_pdbx_struct_oper_list.vector[1]            0.0000000000 
_pdbx_struct_oper_list.matrix[2][1]         0.0000000000 
_pdbx_struct_oper_list.matrix[2][2]         1.0000000000 
_pdbx_struct_oper_list.matrix[2][3]         0.0000000000 
_pdbx_struct_oper_list.vector[2]            0.0000000000 
_pdbx_struct_oper_list.matrix[3][1]         0.0000000000 
_pdbx_struct_oper_list.matrix[3][2]         0.0000000000 
_pdbx_struct_oper_list.matrix[3][3]         1.0000000000 
_pdbx_struct_oper_list.vector[3]            0.0000000000 
# 
_struct_biol.id   1 
# 
loop_
_struct_conn.id 
_struct_conn.conn_type_id 
_struct_conn.pdbx_leaving_atom_flag 
_struct_conn.pdbx_PDB_id 
_struct_conn.ptnr1_label_asym_id 
_struct_conn.ptnr1_label_comp_id 
_struct_conn.ptnr1_label_seq_id 
_struct_conn.ptnr1_label_atom_id 
_struct_conn.pdbx_ptnr1_label_alt_id 
_struct_conn.pdbx_ptnr1_PDB_ins_code 
_struct_conn.pdbx_ptnr1_standard_comp_id 
_struct_conn.ptnr1_symmetry 
_struct_conn.ptnr2_label_asym_id 
_struct_conn.ptnr2_label_comp_id 
_struct_conn.ptnr2_label_seq_id 
_struct_conn.ptnr2_label_atom_id 
_struct_conn.pdbx_ptnr2_label_alt_id 
_struct_conn.pdbx_ptnr2_PDB_ins_code 
_struct_conn.ptnr1_auth_asym_id 
_struct_conn.ptnr1_auth_comp_id 
_struct_conn.ptnr1_auth_seq_id 
_struct_conn.ptnr2_auth_asym_id 
_struct_conn.ptnr2_auth_comp_id 
_struct_conn.ptnr2_auth_seq_id 
_struct_conn.ptnr2_symmetry 
_struct_conn.pdbx_ptnr3_label_atom_id 
_struct_conn.pdbx_ptnr3_label_seq_id 
_struct_conn.pdbx_ptnr3_label_comp_id 
_struct_conn.pdbx_ptnr3_label_asym_id 
_struct_conn.pdbx_ptnr3_label_alt_id 
_struct_conn.pdbx_ptnr3_PDB_ins_code 
_struct_conn.details 
_struct_conn.pdbx_dist_value 
_struct_conn.pdbx_value_order 
_struct_conn.pdbx_role 
metalc1  metalc ? ? A DG 2  OP1 ? ? ? 1_555 C MG  .  MG ? ? A DG 2  A MG  25 1_555 ? ? ? ? ? ? ?            1.907 ? ? 
metalc2  metalc ? ? C MG .  MG  ? ? ? 1_555 D HOH .  O  ? ? A MG 25 A HOH 26 1_555 ? ? ? ? ? ? ?            2.180 ? ? 
hydrog1  hydrog ? ? A DC 1  N3  ? ? ? 1_555 B DG  12 N1 ? ? A DC 1  B DG  24 1_555 ? ? ? ? ? ? WATSON-CRICK ?     ? ? 
hydrog2  hydrog ? ? A DC 1  N4  ? ? ? 1_555 B DG  12 O6 ? ? A DC 1  B DG  24 1_555 ? ? ? ? ? ? WATSON-CRICK ?     ? ? 
hydrog3  hydrog ? ? A DC 1  O2  ? ? ? 1_555 B DG  12 N2 ? ? A DC 1  B DG  24 1_555 ? ? ? ? ? ? WATSON-CRICK ?     ? ? 
hydrog4  hydrog ? ? A DG 2  N1  ? ? ? 1_555 B DC  11 N3 ? ? A DG 2  B DC  23 1_555 ? ? ? ? ? ? WATSON-CRICK ?     ? ? 
hydrog5  hydrog ? ? A DG 2  N2  ? ? ? 1_555 B DC  11 O2 ? ? A DG 2  B DC  23 1_555 ? ? ? ? ? ? WATSON-CRICK ?     ? ? 
hydrog6  hydrog ? ? A DG 2  O6  ? ? ? 1_555 B DC  11 N4 ? ? A DG 2  B DC  23 1_555 ? ? ? ? ? ? WATSON-CRICK ?     ? ? 
hydrog7  hydrog ? ? A DT 3  N3  ? ? ? 1_555 B DA  10 N1 ? ? A DT 3  B DA  22 1_555 ? ? ? ? ? ? WATSON-CRICK ?     ? ? 
hydrog8  hydrog ? ? A DT 3  O4  ? ? ? 1_555 B DA  10 N6 ? ? A DT 3  B DA  22 1_555 ? ? ? ? ? ? WATSON-CRICK ?     ? ? 
hydrog9  hydrog ? ? A DA 4  N1  ? ? ? 1_555 B DT  9  N3 ? ? A DA 4  B DT  21 1_555 ? ? ? ? ? ? WATSON-CRICK ?     ? ? 
hydrog10 hydrog ? ? A DA 4  N6  ? ? ? 1_555 B DT  9  O4 ? ? A DA 4  B DT  21 1_555 ? ? ? ? ? ? WATSON-CRICK ?     ? ? 
hydrog11 hydrog ? ? A DG 5  N1  ? ? ? 1_555 B DC  8  N3 ? ? A DG 5  B DC  20 1_555 ? ? ? ? ? ? WATSON-CRICK ?     ? ? 
hydrog12 hydrog ? ? A DG 5  N2  ? ? ? 1_555 B DC  8  O2 ? ? A DG 5  B DC  20 1_555 ? ? ? ? ? ? WATSON-CRICK ?     ? ? 
hydrog13 hydrog ? ? A DG 5  O6  ? ? ? 1_555 B DC  8  N4 ? ? A DG 5  B DC  20 1_555 ? ? ? ? ? ? WATSON-CRICK ?     ? ? 
hydrog14 hydrog ? ? A DA 6  N1  ? ? ? 1_555 B DT  7  N3 ? ? A DA 6  B DT  19 1_555 ? ? ? ? ? ? WATSON-CRICK ?     ? ? 
hydrog15 hydrog ? ? A DA 6  N6  ? ? ? 1_555 B DT  7  O4 ? ? A DA 6  B DT  19 1_555 ? ? ? ? ? ? WATSON-CRICK ?     ? ? 
hydrog16 hydrog ? ? A DT 7  N3  ? ? ? 1_555 B DA  6  N1 ? ? A DT 7  B DA  18 1_555 ? ? ? ? ? ? WATSON-CRICK ?     ? ? 
hydrog17 hydrog ? ? A DT 7  O4  ? ? ? 1_555 B DA  6  N6 ? ? A DT 7  B DA  18 1_555 ? ? ? ? ? ? WATSON-CRICK ?     ? ? 
hydrog18 hydrog ? ? A DC 8  N3  ? ? ? 1_555 B DG  5  N1 ? ? A DC 8  B DG  17 1_555 ? ? ? ? ? ? WATSON-CRICK ?     ? ? 
hydrog19 hydrog ? ? A DC 8  N4  ? ? ? 1_555 B DG  5  O6 ? ? A DC 8  B DG  17 1_555 ? ? ? ? ? ? WATSON-CRICK ?     ? ? 
hydrog20 hydrog ? ? A DC 8  O2  ? ? ? 1_555 B DG  5  N2 ? ? A DC 8  B DG  17 1_555 ? ? ? ? ? ? WATSON-CRICK ?     ? ? 
hydrog21 hydrog ? ? A DT 9  N3  ? ? ? 1_555 B DA  4  N1 ? ? A DT 9  B DA  16 1_555 ? ? ? ? ? ? WATSON-CRICK ?     ? ? 
hydrog22 hydrog ? ? A DT 9  O4  ? ? ? 1_555 B DA  4  N6 ? ? A DT 9  B DA  16 1_555 ? ? ? ? ? ? WATSON-CRICK ?     ? ? 
hydrog23 hydrog ? ? A DA 10 N1  ? ? ? 1_555 B DT  3  N3 ? ? A DA 10 B DT  15 1_555 ? ? ? ? ? ? WATSON-CRICK ?     ? ? 
hydrog24 hydrog ? ? A DA 10 N6  ? ? ? 1_555 B DT  3  O4 ? ? A DA 10 B DT  15 1_555 ? ? ? ? ? ? WATSON-CRICK ?     ? ? 
hydrog25 hydrog ? ? A DC 11 N3  ? ? ? 1_555 B DG  2  N1 ? ? A DC 11 B DG  14 1_555 ? ? ? ? ? ? WATSON-CRICK ?     ? ? 
hydrog26 hydrog ? ? A DC 11 N4  ? ? ? 1_555 B DG  2  O6 ? ? A DC 11 B DG  14 1_555 ? ? ? ? ? ? WATSON-CRICK ?     ? ? 
hydrog27 hydrog ? ? A DC 11 O2  ? ? ? 1_555 B DG  2  N2 ? ? A DC 11 B DG  14 1_555 ? ? ? ? ? ? WATSON-CRICK ?     ? ? 
hydrog28 hydrog ? ? A DG 12 N1  ? ? ? 1_555 B DC  1  N3 ? ? A DG 12 B DC  13 1_555 ? ? ? ? ? ? WATSON-CRICK ?     ? ? 
hydrog29 hydrog ? ? A DG 12 N2  ? ? ? 1_555 B DC  1  O2 ? ? A DG 12 B DC  13 1_555 ? ? ? ? ? ? WATSON-CRICK ?     ? ? 
hydrog30 hydrog ? ? A DG 12 O6  ? ? ? 1_555 B DC  1  N4 ? ? A DG 12 B DC  13 1_555 ? ? ? ? ? ? WATSON-CRICK ?     ? ? 
# 
loop_
_struct_conn_type.id 
_struct_conn_type.criteria 
_struct_conn_type.reference 
metalc ? ? 
hydrog ? ? 
# 
_pdbx_struct_conn_angle.id                    1 
_pdbx_struct_conn_angle.ptnr1_label_atom_id   OP1 
_pdbx_struct_conn_angle.ptnr1_label_alt_id    ? 
_pdbx_struct_conn_angle.ptnr1_label_asym_id   A 
_pdbx_struct_conn_angle.ptnr1_label_comp_id   DG 
_pdbx_struct_conn_angle.ptnr1_label_seq_id    2 
_pdbx_struct_conn_angle.ptnr1_auth_atom_id    ? 
_pdbx_struct_conn_angle.ptnr1_auth_asym_id    A 
_pdbx_struct_conn_angle.ptnr1_auth_comp_id    DG 
_pdbx_struct_conn_angle.ptnr1_auth_seq_id     2 
_pdbx_struct_conn_angle.ptnr1_PDB_ins_code    ? 
_pdbx_struct_conn_angle.ptnr1_symmetry        1_555 
_pdbx_struct_conn_angle.ptnr2_label_atom_id   MG 
_pdbx_struct_conn_angle.ptnr2_label_alt_id    ? 
_pdbx_struct_conn_angle.ptnr2_label_asym_id   C 
_pdbx_struct_conn_angle.ptnr2_label_comp_id   MG 
_pdbx_struct_conn_angle.ptnr2_label_seq_id    . 
_pdbx_struct_conn_angle.ptnr2_auth_atom_id    ? 
_pdbx_struct_conn_angle.ptnr2_auth_asym_id    A 
_pdbx_struct_conn_angle.ptnr2_auth_comp_id    MG 
_pdbx_struct_conn_angle.ptnr2_auth_seq_id     25 
_pdbx_struct_conn_angle.ptnr2_PDB_ins_code    ? 
_pdbx_struct_conn_angle.ptnr2_symmetry        1_555 
_pdbx_struct_conn_angle.ptnr3_label_atom_id   O 
_pdbx_struct_conn_angle.ptnr3_label_alt_id    ? 
_pdbx_struct_conn_angle.ptnr3_label_asym_id   D 
_pdbx_struct_conn_angle.ptnr3_label_comp_id   HOH 
_pdbx_struct_conn_angle.ptnr3_label_seq_id    . 
_pdbx_struct_conn_angle.ptnr3_auth_atom_id    ? 
_pdbx_struct_conn_angle.ptnr3_auth_asym_id    A 
_pdbx_struct_conn_angle.ptnr3_auth_comp_id    HOH 
_pdbx_struct_conn_angle.ptnr3_auth_seq_id     26 
_pdbx_struct_conn_angle.ptnr3_PDB_ins_code    ? 
_pdbx_struct_conn_angle.ptnr3_symmetry        1_555 
_pdbx_struct_conn_angle.value                 88.2 
_pdbx_struct_conn_angle.value_esd             ? 
# 
_struct_site.id                   AC1 
_struct_site.pdbx_evidence_code   Software 
_struct_site.pdbx_auth_asym_id    A 
_struct_site.pdbx_auth_comp_id    MG 
_struct_site.pdbx_auth_seq_id     25 
_struct_site.pdbx_auth_ins_code   ? 
_struct_site.pdbx_num_residues    8 
_struct_site.details              'BINDING SITE FOR RESIDUE MG A 25' 
# 
loop_
_struct_site_gen.id 
_struct_site_gen.site_id 
_struct_site_gen.pdbx_num_res 
_struct_site_gen.label_comp_id 
_struct_site_gen.label_asym_id 
_struct_site_gen.label_seq_id 
_struct_site_gen.pdbx_auth_ins_code 
_struct_site_gen.auth_comp_id 
_struct_site_gen.auth_asym_id 
_struct_site_gen.auth_seq_id 
_struct_site_gen.label_atom_id 
_struct_site_gen.label_alt_id 
_struct_site_gen.symmetry 
_struct_site_gen.details 
1 AC1 8 DC  A 1 ? DC  A 1  . ? 1_555 ? 
2 AC1 8 DC  A 1 ? DC  A 1  . ? 2_656 ? 
3 AC1 8 DG  A 2 ? DG  A 2  . ? 1_555 ? 
4 AC1 8 DG  A 2 ? DG  A 2  . ? 2_656 ? 
5 AC1 8 HOH D . ? HOH A 26 . ? 2_656 ? 
6 AC1 8 HOH D . ? HOH A 26 . ? 1_555 ? 
7 AC1 8 HOH D . ? HOH A 27 . ? 2_656 ? 
8 AC1 8 HOH D . ? HOH A 27 . ? 1_555 ? 
# 
loop_
_pdbx_validate_close_contact.id 
_pdbx_validate_close_contact.PDB_model_num 
_pdbx_validate_close_contact.auth_atom_id_1 
_pdbx_validate_close_contact.auth_asym_id_1 
_pdbx_validate_close_contact.auth_comp_id_1 
_pdbx_validate_close_contact.auth_seq_id_1 
_pdbx_validate_close_contact.PDB_ins_code_1 
_pdbx_validate_close_contact.label_alt_id_1 
_pdbx_validate_close_contact.auth_atom_id_2 
_pdbx_validate_close_contact.auth_asym_id_2 
_pdbx_validate_close_contact.auth_comp_id_2 
_pdbx_validate_close_contact.auth_seq_id_2 
_pdbx_validate_close_contact.PDB_ins_code_2 
_pdbx_validate_close_contact.label_alt_id_2 
_pdbx_validate_close_contact.dist 
1 1 O   B HOH 127 ? ? O B HOH 128 ? ? 2.06 
2 1 OP2 A DA  4   ? ? O A HOH 57  ? ? 2.11 
3 1 O   A HOH 65  ? ? O A HOH 156 ? ? 2.12 
# 
_pdbx_validate_symm_contact.id                1 
_pdbx_validate_symm_contact.PDB_model_num     1 
_pdbx_validate_symm_contact.auth_atom_id_1    OP1 
_pdbx_validate_symm_contact.auth_asym_id_1    A 
_pdbx_validate_symm_contact.auth_comp_id_1    DT 
_pdbx_validate_symm_contact.auth_seq_id_1     3 
_pdbx_validate_symm_contact.PDB_ins_code_1    ? 
_pdbx_validate_symm_contact.label_alt_id_1    ? 
_pdbx_validate_symm_contact.site_symmetry_1   1_555 
_pdbx_validate_symm_contact.auth_atom_id_2    O 
_pdbx_validate_symm_contact.auth_asym_id_2    B 
_pdbx_validate_symm_contact.auth_comp_id_2    HOH 
_pdbx_validate_symm_contact.auth_seq_id_2     69 
_pdbx_validate_symm_contact.PDB_ins_code_2    ? 
_pdbx_validate_symm_contact.label_alt_id_2    ? 
_pdbx_validate_symm_contact.site_symmetry_2   3_555 
_pdbx_validate_symm_contact.dist              2.14 
# 
loop_
_pdbx_validate_rmsd_bond.id 
_pdbx_validate_rmsd_bond.PDB_model_num 
_pdbx_validate_rmsd_bond.auth_atom_id_1 
_pdbx_validate_rmsd_bond.auth_asym_id_1 
_pdbx_validate_rmsd_bond.auth_comp_id_1 
_pdbx_validate_rmsd_bond.auth_seq_id_1 
_pdbx_validate_rmsd_bond.PDB_ins_code_1 
_pdbx_validate_rmsd_bond.label_alt_id_1 
_pdbx_validate_rmsd_bond.auth_atom_id_2 
_pdbx_validate_rmsd_bond.auth_asym_id_2 
_pdbx_validate_rmsd_bond.auth_comp_id_2 
_pdbx_validate_rmsd_bond.auth_seq_id_2 
_pdbx_validate_rmsd_bond.PDB_ins_code_2 
_pdbx_validate_rmsd_bond.label_alt_id_2 
_pdbx_validate_rmsd_bond.bond_value 
_pdbx_validate_rmsd_bond.bond_target_value 
_pdbx_validate_rmsd_bond.bond_deviation 
_pdbx_validate_rmsd_bond.bond_standard_deviation 
_pdbx_validate_rmsd_bond.linker_flag 
1 1 "O4'" A DT 7 ? ? "C1'" A DT 7 ? ? 1.493 1.420 0.073  0.011 N 
2 1 "O3'" A DT 9 ? ? "C3'" A DT 9 ? ? 1.383 1.419 -0.036 0.006 N 
# 
loop_
_pdbx_validate_rmsd_angle.id 
_pdbx_validate_rmsd_angle.PDB_model_num 
_pdbx_validate_rmsd_angle.auth_atom_id_1 
_pdbx_validate_rmsd_angle.auth_asym_id_1 
_pdbx_validate_rmsd_angle.auth_comp_id_1 
_pdbx_validate_rmsd_angle.auth_seq_id_1 
_pdbx_validate_rmsd_angle.PDB_ins_code_1 
_pdbx_validate_rmsd_angle.label_alt_id_1 
_pdbx_validate_rmsd_angle.auth_atom_id_2 
_pdbx_validate_rmsd_angle.auth_asym_id_2 
_pdbx_validate_rmsd_angle.auth_comp_id_2 
_pdbx_validate_rmsd_angle.auth_seq_id_2 
_pdbx_validate_rmsd_angle.PDB_ins_code_2 
_pdbx_validate_rmsd_angle.label_alt_id_2 
_pdbx_validate_rmsd_angle.auth_atom_id_3 
_pdbx_validate_rmsd_angle.auth_asym_id_3 
_pdbx_validate_rmsd_angle.auth_comp_id_3 
_pdbx_validate_rmsd_angle.auth_seq_id_3 
_pdbx_validate_rmsd_angle.PDB_ins_code_3 
_pdbx_validate_rmsd_angle.label_alt_id_3 
_pdbx_validate_rmsd_angle.angle_value 
_pdbx_validate_rmsd_angle.angle_target_value 
_pdbx_validate_rmsd_angle.angle_deviation 
_pdbx_validate_rmsd_angle.angle_standard_deviation 
_pdbx_validate_rmsd_angle.linker_flag 
1  1 "O4'" A DC 1  ? ? "C1'" A DC 1  ? ? N1    A DC 1  ? ? 118.20 108.30 9.90  0.30 N 
2  1 "O4'" A DG 2  ? ? "C1'" A DG 2  ? ? N9    A DG 2  ? ? 116.10 108.30 7.80  0.30 N 
3  1 C5    A DG 2  ? ? C6    A DG 2  ? ? N1    A DG 2  ? ? 114.97 111.50 3.47  0.50 N 
4  1 "O5'" A DT 3  ? ? "C5'" A DT 3  ? ? "C4'" A DT 3  ? ? 101.16 109.40 -8.24 0.80 N 
5  1 C2    A DT 3  ? ? N3    A DT 3  ? ? C4    A DT 3  ? ? 122.52 127.20 -4.68 0.60 N 
6  1 "O5'" A DA 4  ? ? "C5'" A DA 4  ? ? "C4'" A DA 4  ? ? 101.69 109.40 -7.71 0.80 N 
7  1 N1    A DA 4  ? ? C2    A DA 4  ? ? N3    A DA 4  ? ? 125.97 129.30 -3.33 0.50 N 
8  1 "O4'" A DG 5  ? ? "C1'" A DG 5  ? ? N9    A DG 5  ? ? 110.43 108.30 2.13  0.30 N 
9  1 C5    A DG 5  ? ? C6    A DG 5  ? ? N1    A DG 5  ? ? 115.07 111.50 3.57  0.50 N 
10 1 "C3'" A DA 6  ? ? "O3'" A DA 6  ? ? P     A DT 7  ? ? 129.75 119.70 10.05 1.20 Y 
11 1 "O4'" A DT 7  ? ? "C4'" A DT 7  ? ? "C3'" A DT 7  ? ? 109.66 106.00 3.66  0.60 N 
12 1 "C5'" A DT 7  ? ? "C4'" A DT 7  ? ? "O4'" A DT 7  ? ? 116.85 109.80 7.05  1.10 N 
13 1 C2    A DT 7  ? ? N3    A DT 7  ? ? C4    A DT 7  ? ? 122.64 127.20 -4.56 0.60 N 
14 1 N3    A DT 7  ? ? C4    A DT 7  ? ? C5    A DT 7  ? ? 118.99 115.20 3.79  0.60 N 
15 1 "O5'" A DC 8  ? ? "C5'" A DC 8  ? ? "C4'" A DC 8  ? ? 104.32 109.40 -5.08 0.80 N 
16 1 "O4'" A DC 8  ? ? "C1'" A DC 8  ? ? N1    A DC 8  ? ? 112.72 108.30 4.42  0.30 N 
17 1 "O5'" A DT 9  ? ? "C5'" A DT 9  ? ? "C4'" A DT 9  ? ? 103.37 109.40 -6.03 0.80 N 
18 1 C2    A DT 9  ? ? N3    A DT 9  ? ? C4    A DT 9  ? ? 122.77 127.20 -4.43 0.60 N 
19 1 "C3'" A DT 9  ? ? "O3'" A DT 9  ? ? P     A DA 10 ? ? 135.06 119.70 15.36 1.20 Y 
20 1 "C3'" A DA 10 ? ? "C2'" A DA 10 ? ? "C1'" A DA 10 ? ? 96.15  102.40 -6.25 0.80 N 
21 1 N1    A DA 10 ? ? C2    A DA 10 ? ? N3    A DA 10 ? ? 125.30 129.30 -4.00 0.50 N 
22 1 "O5'" A DG 12 ? ? "C5'" A DG 12 ? ? "C4'" A DG 12 ? ? 103.19 109.40 -6.21 0.80 N 
23 1 "C1'" A DG 12 ? ? "O4'" A DG 12 ? ? "C4'" A DG 12 ? ? 103.32 110.10 -6.78 1.00 N 
24 1 C5    A DG 12 ? ? C6    A DG 12 ? ? N1    A DG 12 ? ? 115.35 111.50 3.85  0.50 N 
25 1 "C3'" B DC 13 ? ? "C2'" B DC 13 ? ? "C1'" B DC 13 ? ? 96.34  102.40 -6.06 0.80 N 
26 1 "O4'" B DC 13 ? ? "C1'" B DC 13 ? ? N1    B DC 13 ? ? 115.80 108.30 7.50  0.30 N 
27 1 C5    B DG 14 ? ? C6    B DG 14 ? ? N1    B DG 14 ? ? 114.91 111.50 3.41  0.50 N 
28 1 C2    B DT 15 ? ? N3    B DT 15 ? ? C4    B DT 15 ? ? 122.70 127.20 -4.50 0.60 N 
29 1 N3    B DT 15 ? ? C4    B DT 15 ? ? C5    B DT 15 ? ? 119.26 115.20 4.06  0.60 N 
30 1 "O4'" B DA 16 ? ? "C1'" B DA 16 ? ? N9    B DA 16 ? ? 114.77 108.30 6.47  0.30 N 
31 1 N1    B DA 16 ? ? C2    B DA 16 ? ? N3    B DA 16 ? ? 126.01 129.30 -3.29 0.50 N 
32 1 "O5'" B DG 17 ? ? "C5'" B DG 17 ? ? "C4'" B DG 17 ? ? 102.79 109.40 -6.61 0.80 N 
33 1 N1    B DA 18 ? ? C2    B DA 18 ? ? N3    B DA 18 ? ? 126.11 129.30 -3.19 0.50 N 
34 1 "C3'" B DA 18 ? ? "O3'" B DA 18 ? ? P     B DT 19 ? ? 127.03 119.70 7.33  1.20 Y 
35 1 "C5'" B DT 19 ? ? "C4'" B DT 19 ? ? "O4'" B DT 19 ? ? 116.99 109.80 7.19  1.10 N 
36 1 C2    B DT 19 ? ? N3    B DT 19 ? ? C4    B DT 19 ? ? 122.47 127.20 -4.73 0.60 N 
37 1 N3    B DT 19 ? ? C4    B DT 19 ? ? C5    B DT 19 ? ? 118.82 115.20 3.62  0.60 N 
38 1 N3    B DC 20 ? ? C4    B DC 20 ? ? C5    B DC 20 ? ? 119.09 121.90 -2.81 0.40 N 
39 1 "O4'" B DT 21 ? ? "C1'" B DT 21 ? ? N1    B DT 21 ? ? 113.49 108.30 5.19  0.30 N 
40 1 C2    B DT 21 ? ? N3    B DT 21 ? ? C4    B DT 21 ? ? 122.73 127.20 -4.47 0.60 N 
41 1 "C5'" B DA 22 ? ? "C4'" B DA 22 ? ? "O4'" B DA 22 ? ? 116.84 109.80 7.04  1.10 N 
42 1 N1    B DA 22 ? ? C2    B DA 22 ? ? N3    B DA 22 ? ? 126.29 129.30 -3.01 0.50 N 
43 1 "C3'" B DA 22 ? ? "O3'" B DA 22 ? ? P     B DC 23 ? ? 126.91 119.70 7.21  1.20 Y 
44 1 "C3'" B DC 23 ? ? "C2'" B DC 23 ? ? "C1'" B DC 23 ? ? 95.81  102.40 -6.59 0.80 N 
45 1 "O4'" B DC 23 ? ? "C1'" B DC 23 ? ? N1    B DC 23 ? ? 113.47 108.30 5.17  0.30 N 
46 1 "O5'" B DG 24 ? ? "C5'" B DG 24 ? ? "C4'" B DG 24 ? ? 103.45 109.40 -5.95 0.80 N 
47 1 C6    B DG 24 ? ? N1    B DG 24 ? ? C2    B DG 24 ? ? 121.40 125.10 -3.70 0.60 N 
48 1 C5    B DG 24 ? ? C6    B DG 24 ? ? N1    B DG 24 ? ? 115.04 111.50 3.54  0.50 N 
# 
loop_
_pdbx_struct_special_symmetry.id 
_pdbx_struct_special_symmetry.PDB_model_num 
_pdbx_struct_special_symmetry.auth_asym_id 
_pdbx_struct_special_symmetry.auth_comp_id 
_pdbx_struct_special_symmetry.auth_seq_id 
_pdbx_struct_special_symmetry.PDB_ins_code 
_pdbx_struct_special_symmetry.label_asym_id 
_pdbx_struct_special_symmetry.label_comp_id 
_pdbx_struct_special_symmetry.label_seq_id 
1 1 A MG  25 ? C MG  . 
2 1 A HOH 91 ? D HOH . 
# 
loop_
_refine_B_iso.class 
_refine_B_iso.details 
_refine_B_iso.treatment 
_refine_B_iso.pdbx_refine_id 
'ALL ATOMS'  TR isotropic 'X-RAY DIFFRACTION' 
'ALL WATERS' TR isotropic 'X-RAY DIFFRACTION' 
# 
loop_
_refine_occupancy.class 
_refine_occupancy.treatment 
_refine_occupancy.pdbx_refine_id 
'ALL ATOMS'  fix 'X-RAY DIFFRACTION' 
'ALL WATERS' fix 'X-RAY DIFFRACTION' 
# 
loop_
_chem_comp_atom.comp_id 
_chem_comp_atom.atom_id 
_chem_comp_atom.type_symbol 
_chem_comp_atom.pdbx_aromatic_flag 
_chem_comp_atom.pdbx_stereo_config 
_chem_comp_atom.pdbx_ordinal 
DA  OP3    O  N N 1   
DA  P      P  N N 2   
DA  OP1    O  N N 3   
DA  OP2    O  N N 4   
DA  "O5'"  O  N N 5   
DA  "C5'"  C  N N 6   
DA  "C4'"  C  N R 7   
DA  "O4'"  O  N N 8   
DA  "C3'"  C  N S 9   
DA  "O3'"  O  N N 10  
DA  "C2'"  C  N N 11  
DA  "C1'"  C  N R 12  
DA  N9     N  Y N 13  
DA  C8     C  Y N 14  
DA  N7     N  Y N 15  
DA  C5     C  Y N 16  
DA  C6     C  Y N 17  
DA  N6     N  N N 18  
DA  N1     N  Y N 19  
DA  C2     C  Y N 20  
DA  N3     N  Y N 21  
DA  C4     C  Y N 22  
DA  HOP3   H  N N 23  
DA  HOP2   H  N N 24  
DA  "H5'"  H  N N 25  
DA  "H5''" H  N N 26  
DA  "H4'"  H  N N 27  
DA  "H3'"  H  N N 28  
DA  "HO3'" H  N N 29  
DA  "H2'"  H  N N 30  
DA  "H2''" H  N N 31  
DA  "H1'"  H  N N 32  
DA  H8     H  N N 33  
DA  H61    H  N N 34  
DA  H62    H  N N 35  
DA  H2     H  N N 36  
DC  OP3    O  N N 37  
DC  P      P  N N 38  
DC  OP1    O  N N 39  
DC  OP2    O  N N 40  
DC  "O5'"  O  N N 41  
DC  "C5'"  C  N N 42  
DC  "C4'"  C  N R 43  
DC  "O4'"  O  N N 44  
DC  "C3'"  C  N S 45  
DC  "O3'"  O  N N 46  
DC  "C2'"  C  N N 47  
DC  "C1'"  C  N R 48  
DC  N1     N  N N 49  
DC  C2     C  N N 50  
DC  O2     O  N N 51  
DC  N3     N  N N 52  
DC  C4     C  N N 53  
DC  N4     N  N N 54  
DC  C5     C  N N 55  
DC  C6     C  N N 56  
DC  HOP3   H  N N 57  
DC  HOP2   H  N N 58  
DC  "H5'"  H  N N 59  
DC  "H5''" H  N N 60  
DC  "H4'"  H  N N 61  
DC  "H3'"  H  N N 62  
DC  "HO3'" H  N N 63  
DC  "H2'"  H  N N 64  
DC  "H2''" H  N N 65  
DC  "H1'"  H  N N 66  
DC  H41    H  N N 67  
DC  H42    H  N N 68  
DC  H5     H  N N 69  
DC  H6     H  N N 70  
DG  OP3    O  N N 71  
DG  P      P  N N 72  
DG  OP1    O  N N 73  
DG  OP2    O  N N 74  
DG  "O5'"  O  N N 75  
DG  "C5'"  C  N N 76  
DG  "C4'"  C  N R 77  
DG  "O4'"  O  N N 78  
DG  "C3'"  C  N S 79  
DG  "O3'"  O  N N 80  
DG  "C2'"  C  N N 81  
DG  "C1'"  C  N R 82  
DG  N9     N  Y N 83  
DG  C8     C  Y N 84  
DG  N7     N  Y N 85  
DG  C5     C  Y N 86  
DG  C6     C  N N 87  
DG  O6     O  N N 88  
DG  N1     N  N N 89  
DG  C2     C  N N 90  
DG  N2     N  N N 91  
DG  N3     N  N N 92  
DG  C4     C  Y N 93  
DG  HOP3   H  N N 94  
DG  HOP2   H  N N 95  
DG  "H5'"  H  N N 96  
DG  "H5''" H  N N 97  
DG  "H4'"  H  N N 98  
DG  "H3'"  H  N N 99  
DG  "HO3'" H  N N 100 
DG  "H2'"  H  N N 101 
DG  "H2''" H  N N 102 
DG  "H1'"  H  N N 103 
DG  H8     H  N N 104 
DG  H1     H  N N 105 
DG  H21    H  N N 106 
DG  H22    H  N N 107 
DT  OP3    O  N N 108 
DT  P      P  N N 109 
DT  OP1    O  N N 110 
DT  OP2    O  N N 111 
DT  "O5'"  O  N N 112 
DT  "C5'"  C  N N 113 
DT  "C4'"  C  N R 114 
DT  "O4'"  O  N N 115 
DT  "C3'"  C  N S 116 
DT  "O3'"  O  N N 117 
DT  "C2'"  C  N N 118 
DT  "C1'"  C  N R 119 
DT  N1     N  N N 120 
DT  C2     C  N N 121 
DT  O2     O  N N 122 
DT  N3     N  N N 123 
DT  C4     C  N N 124 
DT  O4     O  N N 125 
DT  C5     C  N N 126 
DT  C7     C  N N 127 
DT  C6     C  N N 128 
DT  HOP3   H  N N 129 
DT  HOP2   H  N N 130 
DT  "H5'"  H  N N 131 
DT  "H5''" H  N N 132 
DT  "H4'"  H  N N 133 
DT  "H3'"  H  N N 134 
DT  "HO3'" H  N N 135 
DT  "H2'"  H  N N 136 
DT  "H2''" H  N N 137 
DT  "H1'"  H  N N 138 
DT  H3     H  N N 139 
DT  H71    H  N N 140 
DT  H72    H  N N 141 
DT  H73    H  N N 142 
DT  H6     H  N N 143 
HOH O      O  N N 144 
HOH H1     H  N N 145 
HOH H2     H  N N 146 
MG  MG     MG N N 147 
# 
loop_
_chem_comp_bond.comp_id 
_chem_comp_bond.atom_id_1 
_chem_comp_bond.atom_id_2 
_chem_comp_bond.value_order 
_chem_comp_bond.pdbx_aromatic_flag 
_chem_comp_bond.pdbx_stereo_config 
_chem_comp_bond.pdbx_ordinal 
DA  OP3   P      sing N N 1   
DA  OP3   HOP3   sing N N 2   
DA  P     OP1    doub N N 3   
DA  P     OP2    sing N N 4   
DA  P     "O5'"  sing N N 5   
DA  OP2   HOP2   sing N N 6   
DA  "O5'" "C5'"  sing N N 7   
DA  "C5'" "C4'"  sing N N 8   
DA  "C5'" "H5'"  sing N N 9   
DA  "C5'" "H5''" sing N N 10  
DA  "C4'" "O4'"  sing N N 11  
DA  "C4'" "C3'"  sing N N 12  
DA  "C4'" "H4'"  sing N N 13  
DA  "O4'" "C1'"  sing N N 14  
DA  "C3'" "O3'"  sing N N 15  
DA  "C3'" "C2'"  sing N N 16  
DA  "C3'" "H3'"  sing N N 17  
DA  "O3'" "HO3'" sing N N 18  
DA  "C2'" "C1'"  sing N N 19  
DA  "C2'" "H2'"  sing N N 20  
DA  "C2'" "H2''" sing N N 21  
DA  "C1'" N9     sing N N 22  
DA  "C1'" "H1'"  sing N N 23  
DA  N9    C8     sing Y N 24  
DA  N9    C4     sing Y N 25  
DA  C8    N7     doub Y N 26  
DA  C8    H8     sing N N 27  
DA  N7    C5     sing Y N 28  
DA  C5    C6     sing Y N 29  
DA  C5    C4     doub Y N 30  
DA  C6    N6     sing N N 31  
DA  C6    N1     doub Y N 32  
DA  N6    H61    sing N N 33  
DA  N6    H62    sing N N 34  
DA  N1    C2     sing Y N 35  
DA  C2    N3     doub Y N 36  
DA  C2    H2     sing N N 37  
DA  N3    C4     sing Y N 38  
DC  OP3   P      sing N N 39  
DC  OP3   HOP3   sing N N 40  
DC  P     OP1    doub N N 41  
DC  P     OP2    sing N N 42  
DC  P     "O5'"  sing N N 43  
DC  OP2   HOP2   sing N N 44  
DC  "O5'" "C5'"  sing N N 45  
DC  "C5'" "C4'"  sing N N 46  
DC  "C5'" "H5'"  sing N N 47  
DC  "C5'" "H5''" sing N N 48  
DC  "C4'" "O4'"  sing N N 49  
DC  "C4'" "C3'"  sing N N 50  
DC  "C4'" "H4'"  sing N N 51  
DC  "O4'" "C1'"  sing N N 52  
DC  "C3'" "O3'"  sing N N 53  
DC  "C3'" "C2'"  sing N N 54  
DC  "C3'" "H3'"  sing N N 55  
DC  "O3'" "HO3'" sing N N 56  
DC  "C2'" "C1'"  sing N N 57  
DC  "C2'" "H2'"  sing N N 58  
DC  "C2'" "H2''" sing N N 59  
DC  "C1'" N1     sing N N 60  
DC  "C1'" "H1'"  sing N N 61  
DC  N1    C2     sing N N 62  
DC  N1    C6     sing N N 63  
DC  C2    O2     doub N N 64  
DC  C2    N3     sing N N 65  
DC  N3    C4     doub N N 66  
DC  C4    N4     sing N N 67  
DC  C4    C5     sing N N 68  
DC  N4    H41    sing N N 69  
DC  N4    H42    sing N N 70  
DC  C5    C6     doub N N 71  
DC  C5    H5     sing N N 72  
DC  C6    H6     sing N N 73  
DG  OP3   P      sing N N 74  
DG  OP3   HOP3   sing N N 75  
DG  P     OP1    doub N N 76  
DG  P     OP2    sing N N 77  
DG  P     "O5'"  sing N N 78  
DG  OP2   HOP2   sing N N 79  
DG  "O5'" "C5'"  sing N N 80  
DG  "C5'" "C4'"  sing N N 81  
DG  "C5'" "H5'"  sing N N 82  
DG  "C5'" "H5''" sing N N 83  
DG  "C4'" "O4'"  sing N N 84  
DG  "C4'" "C3'"  sing N N 85  
DG  "C4'" "H4'"  sing N N 86  
DG  "O4'" "C1'"  sing N N 87  
DG  "C3'" "O3'"  sing N N 88  
DG  "C3'" "C2'"  sing N N 89  
DG  "C3'" "H3'"  sing N N 90  
DG  "O3'" "HO3'" sing N N 91  
DG  "C2'" "C1'"  sing N N 92  
DG  "C2'" "H2'"  sing N N 93  
DG  "C2'" "H2''" sing N N 94  
DG  "C1'" N9     sing N N 95  
DG  "C1'" "H1'"  sing N N 96  
DG  N9    C8     sing Y N 97  
DG  N9    C4     sing Y N 98  
DG  C8    N7     doub Y N 99  
DG  C8    H8     sing N N 100 
DG  N7    C5     sing Y N 101 
DG  C5    C6     sing N N 102 
DG  C5    C4     doub Y N 103 
DG  C6    O6     doub N N 104 
DG  C6    N1     sing N N 105 
DG  N1    C2     sing N N 106 
DG  N1    H1     sing N N 107 
DG  C2    N2     sing N N 108 
DG  C2    N3     doub N N 109 
DG  N2    H21    sing N N 110 
DG  N2    H22    sing N N 111 
DG  N3    C4     sing N N 112 
DT  OP3   P      sing N N 113 
DT  OP3   HOP3   sing N N 114 
DT  P     OP1    doub N N 115 
DT  P     OP2    sing N N 116 
DT  P     "O5'"  sing N N 117 
DT  OP2   HOP2   sing N N 118 
DT  "O5'" "C5'"  sing N N 119 
DT  "C5'" "C4'"  sing N N 120 
DT  "C5'" "H5'"  sing N N 121 
DT  "C5'" "H5''" sing N N 122 
DT  "C4'" "O4'"  sing N N 123 
DT  "C4'" "C3'"  sing N N 124 
DT  "C4'" "H4'"  sing N N 125 
DT  "O4'" "C1'"  sing N N 126 
DT  "C3'" "O3'"  sing N N 127 
DT  "C3'" "C2'"  sing N N 128 
DT  "C3'" "H3'"  sing N N 129 
DT  "O3'" "HO3'" sing N N 130 
DT  "C2'" "C1'"  sing N N 131 
DT  "C2'" "H2'"  sing N N 132 
DT  "C2'" "H2''" sing N N 133 
DT  "C1'" N1     sing N N 134 
DT  "C1'" "H1'"  sing N N 135 
DT  N1    C2     sing N N 136 
DT  N1    C6     sing N N 137 
DT  C2    O2     doub N N 138 
DT  C2    N3     sing N N 139 
DT  N3    C4     sing N N 140 
DT  N3    H3     sing N N 141 
DT  C4    O4     doub N N 142 
DT  C4    C5     sing N N 143 
DT  C5    C7     sing N N 144 
DT  C5    C6     doub N N 145 
DT  C7    H71    sing N N 146 
DT  C7    H72    sing N N 147 
DT  C7    H73    sing N N 148 
DT  C6    H6     sing N N 149 
HOH O     H1     sing N N 150 
HOH O     H2     sing N N 151 
# 
_ndb_struct_conf_na.entry_id   119D 
_ndb_struct_conf_na.feature    'b-form double helix' 
# 
loop_
_ndb_struct_na_base_pair.model_number 
_ndb_struct_na_base_pair.i_label_asym_id 
_ndb_struct_na_base_pair.i_label_comp_id 
_ndb_struct_na_base_pair.i_label_seq_id 
_ndb_struct_na_base_pair.i_symmetry 
_ndb_struct_na_base_pair.j_label_asym_id 
_ndb_struct_na_base_pair.j_label_comp_id 
_ndb_struct_na_base_pair.j_label_seq_id 
_ndb_struct_na_base_pair.j_symmetry 
_ndb_struct_na_base_pair.shear 
_ndb_struct_na_base_pair.stretch 
_ndb_struct_na_base_pair.stagger 
_ndb_struct_na_base_pair.buckle 
_ndb_struct_na_base_pair.propeller 
_ndb_struct_na_base_pair.opening 
_ndb_struct_na_base_pair.pair_number 
_ndb_struct_na_base_pair.pair_name 
_ndb_struct_na_base_pair.i_auth_asym_id 
_ndb_struct_na_base_pair.i_auth_seq_id 
_ndb_struct_na_base_pair.i_PDB_ins_code 
_ndb_struct_na_base_pair.j_auth_asym_id 
_ndb_struct_na_base_pair.j_auth_seq_id 
_ndb_struct_na_base_pair.j_PDB_ins_code 
_ndb_struct_na_base_pair.hbond_type_28 
_ndb_struct_na_base_pair.hbond_type_12 
1 A DC 1  1_555 B DG 12 1_555 0.324  -0.306 0.312  -4.891  -10.521 -1.906 1  A_DC1:DG24_B  A 1  ? B 24 ? 19 1 
1 A DG 2  1_555 B DC 11 1_555 0.114  -0.391 0.604  0.328   -16.744 2.250  2  A_DG2:DC23_B  A 2  ? B 23 ? 19 1 
1 A DT 3  1_555 B DA 10 1_555 -0.323 -0.448 -0.227 4.344   -14.622 6.479  3  A_DT3:DA22_B  A 3  ? B 22 ? 20 1 
1 A DA 4  1_555 B DT 9  1_555 -0.086 -0.236 -0.178 8.070   -1.794  1.819  4  A_DA4:DT21_B  A 4  ? B 21 ? 20 1 
1 A DG 5  1_555 B DC 8  1_555 -0.006 -0.338 0.088  17.914  0.113   -1.102 5  A_DG5:DC20_B  A 5  ? B 20 ? 19 1 
1 A DA 6  1_555 B DT 7  1_555 0.106  -0.350 0.047  11.071  -18.834 -5.772 6  A_DA6:DT19_B  A 6  ? B 19 ? 20 1 
1 A DT 7  1_555 B DA 6  1_555 -0.195 -0.372 0.126  5.348   -19.831 -4.115 7  A_DT7:DA18_B  A 7  ? B 18 ? 20 1 
1 A DC 8  1_555 B DG 5  1_555 -0.365 -0.255 0.567  -12.521 -17.567 -0.494 8  A_DC8:DG17_B  A 8  ? B 17 ? 19 1 
1 A DT 9  1_555 B DA 4  1_555 -0.062 -0.310 -0.140 -7.778  -15.221 1.223  9  A_DT9:DA16_B  A 9  ? B 16 ? 20 1 
1 A DA 10 1_555 B DT 3  1_555 0.151  -0.538 0.246  14.772  -4.214  -1.400 10 A_DA10:DT15_B A 10 ? B 15 ? 20 1 
1 A DC 11 1_555 B DG 2  1_555 0.066  -0.242 0.042  11.804  -14.565 2.055  11 A_DC11:DG14_B A 11 ? B 14 ? 19 1 
1 A DG 12 1_555 B DC 1  1_555 -0.174 -0.248 0.081  2.454   -7.347  -3.945 12 A_DG12:DC13_B A 12 ? B 13 ? 19 1 
# 
loop_
_ndb_struct_na_base_pair_step.model_number 
_ndb_struct_na_base_pair_step.i_label_asym_id_1 
_ndb_struct_na_base_pair_step.i_label_comp_id_1 
_ndb_struct_na_base_pair_step.i_label_seq_id_1 
_ndb_struct_na_base_pair_step.i_symmetry_1 
_ndb_struct_na_base_pair_step.j_label_asym_id_1 
_ndb_struct_na_base_pair_step.j_label_comp_id_1 
_ndb_struct_na_base_pair_step.j_label_seq_id_1 
_ndb_struct_na_base_pair_step.j_symmetry_1 
_ndb_struct_na_base_pair_step.i_label_asym_id_2 
_ndb_struct_na_base_pair_step.i_label_comp_id_2 
_ndb_struct_na_base_pair_step.i_label_seq_id_2 
_ndb_struct_na_base_pair_step.i_symmetry_2 
_ndb_struct_na_base_pair_step.j_label_asym_id_2 
_ndb_struct_na_base_pair_step.j_label_comp_id_2 
_ndb_struct_na_base_pair_step.j_label_seq_id_2 
_ndb_struct_na_base_pair_step.j_symmetry_2 
_ndb_struct_na_base_pair_step.shift 
_ndb_struct_na_base_pair_step.slide 
_ndb_struct_na_base_pair_step.rise 
_ndb_struct_na_base_pair_step.tilt 
_ndb_struct_na_base_pair_step.roll 
_ndb_struct_na_base_pair_step.twist 
_ndb_struct_na_base_pair_step.x_displacement 
_ndb_struct_na_base_pair_step.y_displacement 
_ndb_struct_na_base_pair_step.helical_rise 
_ndb_struct_na_base_pair_step.inclination 
_ndb_struct_na_base_pair_step.tip 
_ndb_struct_na_base_pair_step.helical_twist 
_ndb_struct_na_base_pair_step.step_number 
_ndb_struct_na_base_pair_step.step_name 
_ndb_struct_na_base_pair_step.i_auth_asym_id_1 
_ndb_struct_na_base_pair_step.i_auth_seq_id_1 
_ndb_struct_na_base_pair_step.i_PDB_ins_code_1 
_ndb_struct_na_base_pair_step.j_auth_asym_id_1 
_ndb_struct_na_base_pair_step.j_auth_seq_id_1 
_ndb_struct_na_base_pair_step.j_PDB_ins_code_1 
_ndb_struct_na_base_pair_step.i_auth_asym_id_2 
_ndb_struct_na_base_pair_step.i_auth_seq_id_2 
_ndb_struct_na_base_pair_step.i_PDB_ins_code_2 
_ndb_struct_na_base_pair_step.j_auth_asym_id_2 
_ndb_struct_na_base_pair_step.j_auth_seq_id_2 
_ndb_struct_na_base_pair_step.j_PDB_ins_code_2 
1 A DC 1  1_555 B DG 12 1_555 A DG 2  1_555 B DC 11 1_555 1.194  0.216  3.085 3.728  1.587  38.853 0.140  -1.354 3.187 2.377  
-5.585  39.056 1  AA_DC1DG2:DC23DG24_BB   A 1  ? B 24 ? A 2  ? B 23 ? 
1 A DG 2  1_555 B DC 11 1_555 A DT 3  1_555 B DA 10 1_555 0.734  -0.347 3.125 9.029  2.220  27.281 -1.188 0.520  3.163 4.543  
-18.476 28.793 2  AA_DG2DT3:DA22DC23_BB   A 2  ? B 23 ? A 3  ? B 22 ? 
1 A DT 3  1_555 B DA 10 1_555 A DA 4  1_555 B DT 9  1_555 0.091  1.909  3.494 1.075  5.030  43.135 2.043  -0.008 3.685 6.812  
-1.456  43.426 3  AA_DT3DA4:DT21DA22_BB   A 3  ? B 22 ? A 4  ? B 21 ? 
1 A DA 4  1_555 B DT 9  1_555 A DG 5  1_555 B DC 8  1_555 0.143  0.506  3.089 -2.692 6.221  25.797 -0.466 -0.986 3.092 13.637 
5.902   26.658 4  AA_DA4DG5:DC20DT21_BB   A 4  ? B 21 ? A 5  ? B 20 ? 
1 A DG 5  1_555 B DC 8  1_555 A DA 6  1_555 B DT 7  1_555 -0.487 0.609  3.677 1.610  0.307  39.045 0.869  0.945  3.659 0.458  
-2.408  39.078 5  AA_DG5DA6:DT19DC20_BB   A 5  ? B 20 ? A 6  ? B 19 ? 
1 A DA 6  1_555 B DT 7  1_555 A DT 7  1_555 B DA 6  1_555 0.550  -0.611 3.377 0.704  2.137  33.909 -1.396 -0.825 3.343 3.659  
-1.205  33.981 6  AA_DA6DT7:DA18DT19_BB   A 6  ? B 19 ? A 7  ? B 18 ? 
1 A DT 7  1_555 B DA 6  1_555 A DC 8  1_555 B DG 5  1_555 0.370  -0.170 3.726 -1.174 -2.825 36.555 0.170  -0.770 3.715 -4.494 
1.868   36.678 7  AA_DT7DC8:DG17DA18_BB   A 7  ? B 18 ? A 8  ? B 17 ? 
1 A DC 8  1_555 B DG 5  1_555 A DT 9  1_555 B DA 4  1_555 -0.689 -0.056 3.093 5.111  4.480  38.667 -0.582 1.595  2.957 6.702  
-7.647  39.237 8  AA_DC8DT9:DA16DG17_BB   A 8  ? B 17 ? A 9  ? B 16 ? 
1 A DT 9  1_555 B DA 4  1_555 A DA 10 1_555 B DT 3  1_555 0.080  1.662  2.790 -5.720 7.865  31.735 1.707  -1.018 3.045 13.978 
10.166  33.155 9  AA_DT9DA10:DT15DA16_BB  A 9  ? B 16 ? A 10 ? B 15 ? 
1 A DA 10 1_555 B DT 3  1_555 A DC 11 1_555 B DG 2  1_555 -0.743 0.797  3.526 -0.199 -2.038 38.825 1.463  1.090  3.485 -3.064 
0.299   38.877 10 AA_DA10DC11:DG14DT15_BB A 10 ? B 15 ? A 11 ? B 14 ? 
1 A DC 11 1_555 B DG 2  1_555 A DG 12 1_555 B DC 1  1_555 1.312  0.361  3.748 5.890  -1.165 37.119 0.738  -1.135 3.891 -1.816 
-9.178  37.585 11 AA_DC11DG12:DC13DG14_BB A 11 ? B 14 ? A 12 ? B 13 ? 
# 
_atom_sites.entry_id                    119D 
_atom_sites.fract_transf_matrix[1][1]   -0.00399759 
_atom_sites.fract_transf_matrix[1][2]   0.00382693 
_atom_sites.fract_transf_matrix[1][3]   -0.01440855 
_atom_sites.fract_transf_matrix[2][1]   -0.00891605 
_atom_sites.fract_transf_matrix[2][2]   0.02522256 
_atom_sites.fract_transf_matrix[2][3]   0.00917286 
_atom_sites.fract_transf_matrix[3][1]   0.03561553 
_atom_sites.fract_transf_matrix[3][2]   0.01530594 
_atom_sites.fract_transf_matrix[3][3]   -0.00746826 
_atom_sites.fract_transf_vector[1]      0.238477 
_atom_sites.fract_transf_vector[2]      0.001519 
_atom_sites.fract_transf_vector[3]      0.380639 
# 
loop_
_atom_type.symbol 
C  
MG 
N  
O  
P  
# 
loop_
_atom_site.group_PDB 
_atom_site.id 
_atom_site.type_symbol 
_atom_site.label_atom_id 
_atom_site.label_alt_id 
_atom_site.label_comp_id 
_atom_site.label_asym_id 
_atom_site.label_entity_id 
_atom_site.label_seq_id 
_atom_site.pdbx_PDB_ins_code 
_atom_site.Cartn_x 
_atom_site.Cartn_y 
_atom_site.Cartn_z 
_atom_site.occupancy 
_atom_site.B_iso_or_equiv 
_atom_site.pdbx_formal_charge 
_atom_site.auth_seq_id 
_atom_site.auth_comp_id 
_atom_site.auth_asym_id 
_atom_site.auth_atom_id 
_atom_site.pdbx_PDB_model_num 
ATOM   1   O  "O5'" . DC  A 1 1  ? -1.658  18.546  -11.523 1.00 17.94 ? 1   DC  A "O5'" 1 
ATOM   2   C  "C5'" . DC  A 1 1  ? -1.140  17.289  -12.084 1.00 22.10 ? 1   DC  A "C5'" 1 
ATOM   3   C  "C4'" . DC  A 1 1  ? -2.362  16.481  -12.445 1.00 22.95 ? 1   DC  A "C4'" 1 
ATOM   4   O  "O4'" . DC  A 1 1  ? -2.152  15.436  -13.371 1.00 7.66  ? 1   DC  A "O4'" 1 
ATOM   5   C  "C3'" . DC  A 1 1  ? -3.080  15.811  -11.280 1.00 19.93 ? 1   DC  A "C3'" 1 
ATOM   6   O  "O3'" . DC  A 1 1  ? -4.479  15.666  -11.512 1.00 25.28 ? 1   DC  A "O3'" 1 
ATOM   7   C  "C2'" . DC  A 1 1  ? -2.292  14.499  -11.180 1.00 20.83 ? 1   DC  A "C2'" 1 
ATOM   8   C  "C1'" . DC  A 1 1  ? -2.023  14.202  -12.631 1.00 24.30 ? 1   DC  A "C1'" 1 
ATOM   9   N  N1    . DC  A 1 1  ? -0.817  13.392  -12.841 1.00 17.64 ? 1   DC  A N1    1 
ATOM   10  C  C2    . DC  A 1 1  ? -0.980  12.249  -13.640 1.00 16.86 ? 1   DC  A C2    1 
ATOM   11  O  O2    . DC  A 1 1  ? -2.090  11.995  -14.115 1.00 12.03 ? 1   DC  A O2    1 
ATOM   12  N  N3    . DC  A 1 1  ? 0.110   11.453  -13.877 1.00 21.99 ? 1   DC  A N3    1 
ATOM   13  C  C4    . DC  A 1 1  ? 1.340   11.751  -13.361 1.00 19.73 ? 1   DC  A C4    1 
ATOM   14  N  N4    . DC  A 1 1  ? 2.374   10.932  -13.602 1.00 4.19  ? 1   DC  A N4    1 
ATOM   15  C  C5    . DC  A 1 1  ? 1.504   12.911  -12.543 1.00 17.51 ? 1   DC  A C5    1 
ATOM   16  C  C6    . DC  A 1 1  ? 0.419   13.676  -12.331 1.00 18.29 ? 1   DC  A C6    1 
ATOM   17  P  P     . DG  A 1 2  ? -5.521  15.721  -10.264 1.00 10.93 ? 2   DG  A P     1 
ATOM   18  O  OP1   . DG  A 1 2  ? -6.659  16.659  -10.519 1.00 32.86 ? 2   DG  A OP1   1 
ATOM   19  O  OP2   . DG  A 1 2  ? -4.648  16.131  -9.149  1.00 14.90 ? 2   DG  A OP2   1 
ATOM   20  O  "O5'" . DG  A 1 2  ? -6.075  14.200  -10.252 1.00 31.01 ? 2   DG  A "O5'" 1 
ATOM   21  C  "C5'" . DG  A 1 2  ? -5.058  13.145  -10.244 1.00 23.59 ? 2   DG  A "C5'" 1 
ATOM   22  C  "C4'" . DG  A 1 2  ? -5.701  11.958  -10.964 1.00 29.80 ? 2   DG  A "C4'" 1 
ATOM   23  O  "O4'" . DG  A 1 2  ? -4.709  11.403  -11.817 1.00 25.77 ? 2   DG  A "O4'" 1 
ATOM   24  C  "C3'" . DG  A 1 2  ? -6.104  10.868  -10.004 1.00 27.75 ? 2   DG  A "C3'" 1 
ATOM   25  O  "O3'" . DG  A 1 2  ? -7.312  10.146  -10.151 1.00 41.95 ? 2   DG  A "O3'" 1 
ATOM   26  C  "C2'" . DG  A 1 2  ? -4.895  9.957   -9.921  1.00 28.22 ? 2   DG  A "C2'" 1 
ATOM   27  C  "C1'" . DG  A 1 2  ? -4.181  10.213  -11.239 1.00 25.51 ? 2   DG  A "C1'" 1 
ATOM   28  N  N9    . DG  A 1 2  ? -2.746  10.243  -10.886 1.00 19.08 ? 2   DG  A N9    1 
ATOM   29  C  C8    . DG  A 1 2  ? -2.078  11.005  -9.953  1.00 7.91  ? 2   DG  A C8    1 
ATOM   30  N  N7    . DG  A 1 2  ? -0.799  10.748  -9.869  1.00 8.60  ? 2   DG  A N7    1 
ATOM   31  C  C5    . DG  A 1 2  ? -0.609  9.732   -10.816 1.00 12.18 ? 2   DG  A C5    1 
ATOM   32  C  C6    . DG  A 1 2  ? 0.552   9.029   -11.221 1.00 4.69  ? 2   DG  A C6    1 
ATOM   33  O  O6    . DG  A 1 2  ? 1.690   9.201   -10.784 1.00 3.36  ? 2   DG  A O6    1 
ATOM   34  N  N1    . DG  A 1 2  ? 0.347   8.087   -12.199 1.00 12.68 ? 2   DG  A N1    1 
ATOM   35  C  C2    . DG  A 1 2  ? -0.883  7.850   -12.732 1.00 2.12  ? 2   DG  A C2    1 
ATOM   36  N  N2    . DG  A 1 2  ? -0.966  6.905   -13.669 1.00 8.02  ? 2   DG  A N2    1 
ATOM   37  N  N3    . DG  A 1 2  ? -2.030  8.478   -12.400 1.00 2.00  ? 2   DG  A N3    1 
ATOM   38  C  C4    . DG  A 1 2  ? -1.800  9.411   -11.439 1.00 23.83 ? 2   DG  A C4    1 
ATOM   39  P  P     . DT  A 1 3  ? -7.662  8.924   -9.137  1.00 53.08 ? 3   DT  A P     1 
ATOM   40  O  OP1   . DT  A 1 3  ? -9.162  8.822   -9.018  1.00 27.75 ? 3   DT  A OP1   1 
ATOM   41  O  OP2   . DT  A 1 3  ? -7.045  9.319   -7.837  1.00 24.96 ? 3   DT  A OP2   1 
ATOM   42  O  "O5'" . DT  A 1 3  ? -6.954  7.643   -9.757  1.00 13.77 ? 3   DT  A "O5'" 1 
ATOM   43  C  "C5'" . DT  A 1 3  ? -6.675  7.561   -11.189 1.00 21.31 ? 3   DT  A "C5'" 1 
ATOM   44  C  "C4'" . DT  A 1 3  ? -5.813  6.290   -11.252 1.00 21.64 ? 3   DT  A "C4'" 1 
ATOM   45  O  "O4'" . DT  A 1 3  ? -4.471  6.683   -11.035 1.00 16.94 ? 3   DT  A "O4'" 1 
ATOM   46  C  "C3'" . DT  A 1 3  ? -6.154  5.261   -10.202 1.00 25.06 ? 3   DT  A "C3'" 1 
ATOM   47  O  "O3'" . DT  A 1 3  ? -6.574  3.986   -10.646 1.00 28.92 ? 3   DT  A "O3'" 1 
ATOM   48  C  "C2'" . DT  A 1 3  ? -4.949  5.262   -9.252  1.00 25.90 ? 3   DT  A "C2'" 1 
ATOM   49  C  "C1'" . DT  A 1 3  ? -3.839  5.714   -10.155 1.00 17.13 ? 3   DT  A "C1'" 1 
ATOM   50  N  N1    . DT  A 1 3  ? -2.722  6.379   -9.448  1.00 15.17 ? 3   DT  A N1    1 
ATOM   51  C  C2    . DT  A 1 3  ? -1.458  6.071   -9.958  1.00 11.68 ? 3   DT  A C2    1 
ATOM   52  O  O2    . DT  A 1 3  ? -1.342  5.264   -10.884 1.00 10.06 ? 3   DT  A O2    1 
ATOM   53  N  N3    . DT  A 1 3  ? -0.369  6.664   -9.373  1.00 20.99 ? 3   DT  A N3    1 
ATOM   54  C  C4    . DT  A 1 3  ? -0.479  7.529   -8.329  1.00 21.61 ? 3   DT  A C4    1 
ATOM   55  O  O4    . DT  A 1 3  ? 0.586   8.049   -7.861  1.00 2.00  ? 3   DT  A O4    1 
ATOM   56  C  C5    . DT  A 1 3  ? -1.792  7.841   -7.846  1.00 21.33 ? 3   DT  A C5    1 
ATOM   57  C  C7    . DT  A 1 3  ? -1.944  8.818   -6.698  1.00 16.22 ? 3   DT  A C7    1 
ATOM   58  C  C6    . DT  A 1 3  ? -2.857  7.254   -8.423  1.00 2.52  ? 3   DT  A C6    1 
ATOM   59  P  P     . DA  A 1 4  ? -7.116  2.835   -9.656  1.00 42.31 ? 4   DA  A P     1 
ATOM   60  O  OP1   . DA  A 1 4  ? -8.620  2.664   -9.680  1.00 32.58 ? 4   DA  A OP1   1 
ATOM   61  O  OP2   . DA  A 1 4  ? -6.642  3.256   -8.315  1.00 44.82 ? 4   DA  A OP2   1 
ATOM   62  O  "O5'" . DA  A 1 4  ? -6.480  1.480   -10.186 1.00 35.80 ? 4   DA  A "O5'" 1 
ATOM   63  C  "C5'" . DA  A 1 4  ? -5.662  1.405   -11.384 1.00 30.89 ? 4   DA  A "C5'" 1 
ATOM   64  C  "C4'" . DA  A 1 4  ? -4.616  0.397   -10.977 1.00 34.03 ? 4   DA  A "C4'" 1 
ATOM   65  O  "O4'" . DA  A 1 4  ? -3.539  0.951   -10.289 1.00 35.07 ? 4   DA  A "O4'" 1 
ATOM   66  C  "C3'" . DA  A 1 4  ? -5.156  -0.744  -10.109 1.00 30.20 ? 4   DA  A "C3'" 1 
ATOM   67  O  "O3'" . DA  A 1 4  ? -4.789  -1.970  -10.732 1.00 26.72 ? 4   DA  A "O3'" 1 
ATOM   68  C  "C2'" . DA  A 1 4  ? -4.608  -0.460  -8.722  1.00 22.27 ? 4   DA  A "C2'" 1 
ATOM   69  C  "C1'" . DA  A 1 4  ? -3.447  0.440   -8.944  1.00 23.84 ? 4   DA  A "C1'" 1 
ATOM   70  N  N9    . DA  A 1 4  ? -3.246  1.603   -8.067  1.00 24.90 ? 4   DA  A N9    1 
ATOM   71  C  C8    . DA  A 1 4  ? -4.120  2.355   -7.332  1.00 10.87 ? 4   DA  A C8    1 
ATOM   72  N  N7    . DA  A 1 4  ? -3.539  3.370   -6.710  1.00 19.92 ? 4   DA  A N7    1 
ATOM   73  C  C5    . DA  A 1 4  ? -2.203  3.290   -7.068  1.00 14.17 ? 4   DA  A C5    1 
ATOM   74  C  C6    . DA  A 1 4  ? -1.071  4.073   -6.716  1.00 15.59 ? 4   DA  A C6    1 
ATOM   75  N  N6    . DA  A 1 4  ? -1.067  5.120   -5.918  1.00 2.00  ? 4   DA  A N6    1 
ATOM   76  N  N1    . DA  A 1 4  ? 0.116   3.673   -7.262  1.00 11.07 ? 4   DA  A N1    1 
ATOM   77  C  C2    . DA  A 1 4  ? 0.192   2.573   -8.068  1.00 13.57 ? 4   DA  A C2    1 
ATOM   78  N  N3    . DA  A 1 4  ? -0.830  1.798   -8.435  1.00 11.82 ? 4   DA  A N3    1 
ATOM   79  C  C4    . DA  A 1 4  ? -1.997  2.207   -7.905  1.00 20.36 ? 4   DA  A C4    1 
ATOM   80  P  P     . DG  A 1 5  ? -5.256  -3.422  -10.231 1.00 32.17 ? 5   DG  A P     1 
ATOM   81  O  OP1   . DG  A 1 5  ? -5.192  -4.360  -11.421 1.00 16.53 ? 5   DG  A OP1   1 
ATOM   82  O  OP2   . DG  A 1 5  ? -6.559  -3.158  -9.598  1.00 13.24 ? 5   DG  A OP2   1 
ATOM   83  O  "O5'" . DG  A 1 5  ? -4.093  -3.863  -9.220  1.00 8.18  ? 5   DG  A "O5'" 1 
ATOM   84  C  "C5'" . DG  A 1 5  ? -2.745  -3.658  -9.804  1.00 30.56 ? 5   DG  A "C5'" 1 
ATOM   85  C  "C4'" . DG  A 1 5  ? -1.793  -3.752  -8.642  1.00 31.60 ? 5   DG  A "C4'" 1 
ATOM   86  O  "O4'" . DG  A 1 5  ? -1.595  -2.494  -8.016  1.00 33.05 ? 5   DG  A "O4'" 1 
ATOM   87  C  "C3'" . DG  A 1 5  ? -2.294  -4.720  -7.566  1.00 34.31 ? 5   DG  A "C3'" 1 
ATOM   88  O  "O3'" . DG  A 1 5  ? -1.181  -5.496  -7.089  1.00 40.08 ? 5   DG  A "O3'" 1 
ATOM   89  C  "C2'" . DG  A 1 5  ? -2.848  -3.759  -6.498  1.00 28.01 ? 5   DG  A "C2'" 1 
ATOM   90  C  "C1'" . DG  A 1 5  ? -1.741  -2.709  -6.575  1.00 23.19 ? 5   DG  A "C1'" 1 
ATOM   91  N  N9    . DG  A 1 5  ? -2.105  -1.455  -5.905  1.00 23.49 ? 5   DG  A N9    1 
ATOM   92  C  C8    . DG  A 1 5  ? -3.347  -0.991  -5.535  1.00 15.92 ? 5   DG  A C8    1 
ATOM   93  N  N7    . DG  A 1 5  ? -3.314  0.172   -4.950  1.00 9.80  ? 5   DG  A N7    1 
ATOM   94  C  C5    . DG  A 1 5  ? -1.958  0.512   -4.938  1.00 19.84 ? 5   DG  A C5    1 
ATOM   95  C  C6    . DG  A 1 5  ? -1.274  1.656   -4.442  1.00 14.89 ? 5   DG  A C6    1 
ATOM   96  O  O6    . DG  A 1 5  ? -1.779  2.640   -3.901  1.00 17.12 ? 5   DG  A O6    1 
ATOM   97  N  N1    . DG  A 1 5  ? 0.099   1.630   -4.594  1.00 6.68  ? 5   DG  A N1    1 
ATOM   98  C  C2    . DG  A 1 5  ? 0.737   0.582   -5.195  1.00 20.98 ? 5   DG  A C2    1 
ATOM   99  N  N2    . DG  A 1 5  ? 2.074   0.693   -5.287  1.00 2.00  ? 5   DG  A N2    1 
ATOM   100 N  N3    . DG  A 1 5  ? 0.136   -0.515  -5.680  1.00 11.05 ? 5   DG  A N3    1 
ATOM   101 C  C4    . DG  A 1 5  ? -1.199  -0.488  -5.518  1.00 5.83  ? 5   DG  A C4    1 
ATOM   102 P  P     . DA  A 1 6  ? -1.370  -7.098  -6.934  1.00 19.28 ? 6   DA  A P     1 
ATOM   103 O  OP1   . DA  A 1 6  ? -1.950  -7.673  -8.175  1.00 42.75 ? 6   DA  A OP1   1 
ATOM   104 O  OP2   . DA  A 1 6  ? -2.308  -7.208  -5.766  1.00 49.92 ? 6   DA  A OP2   1 
ATOM   105 O  "O5'" . DA  A 1 6  ? 0.129   -7.593  -6.601  1.00 29.69 ? 6   DA  A "O5'" 1 
ATOM   106 C  "C5'" . DA  A 1 6  ? 1.271   -6.930  -7.185  1.00 20.68 ? 6   DA  A "C5'" 1 
ATOM   107 C  "C4'" . DA  A 1 6  ? 2.137   -6.343  -6.125  1.00 27.99 ? 6   DA  A "C4'" 1 
ATOM   108 O  "O4'" . DA  A 1 6  ? 1.786   -5.059  -5.700  1.00 27.75 ? 6   DA  A "O4'" 1 
ATOM   109 C  "C3'" . DA  A 1 6  ? 2.541   -7.161  -4.920  1.00 19.37 ? 6   DA  A "C3'" 1 
ATOM   110 O  "O3'" . DA  A 1 6  ? 3.927   -7.404  -4.835  1.00 20.74 ? 6   DA  A "O3'" 1 
ATOM   111 C  "C2'" . DA  A 1 6  ? 1.944   -6.367  -3.759  1.00 27.03 ? 6   DA  A "C2'" 1 
ATOM   112 C  "C1'" . DA  A 1 6  ? 2.015   -4.927  -4.271  1.00 28.52 ? 6   DA  A "C1'" 1 
ATOM   113 N  N9    . DA  A 1 6  ? 0.907   -4.152  -3.675  1.00 34.25 ? 6   DA  A N9    1 
ATOM   114 C  C8    . DA  A 1 6  ? -0.416  -4.506  -3.596  1.00 32.09 ? 6   DA  A C8    1 
ATOM   115 N  N7    . DA  A 1 6  ? -1.169  -3.606  -2.996  1.00 28.44 ? 6   DA  A N7    1 
ATOM   116 C  C5    . DA  A 1 6  ? -0.278  -2.593  -2.660  1.00 30.19 ? 6   DA  A C5    1 
ATOM   117 C  C6    . DA  A 1 6  ? -0.481  -1.352  -2.005  1.00 16.28 ? 6   DA  A C6    1 
ATOM   118 N  N6    . DA  A 1 6  ? -1.655  -0.936  -1.588  1.00 2.00  ? 6   DA  A N6    1 
ATOM   119 N  N1    . DA  A 1 6  ? 0.645   -0.587  -1.829  1.00 8.93  ? 6   DA  A N1    1 
ATOM   120 C  C2    . DA  A 1 6  ? 1.857   -1.015  -2.286  1.00 26.77 ? 6   DA  A C2    1 
ATOM   121 N  N3    . DA  A 1 6  ? 2.117   -2.177  -2.903  1.00 27.46 ? 6   DA  A N3    1 
ATOM   122 C  C4    . DA  A 1 6  ? 1.002   -2.916  -3.067  1.00 29.67 ? 6   DA  A C4    1 
ATOM   123 P  P     . DT  A 1 7  ? 4.740   -8.350  -3.833  1.00 38.44 ? 7   DT  A P     1 
ATOM   124 O  OP1   . DT  A 1 7  ? 5.962   -8.908  -4.521  1.00 37.65 ? 7   DT  A OP1   1 
ATOM   125 O  OP2   . DT  A 1 7  ? 3.813   -9.440  -3.394  1.00 27.00 ? 7   DT  A OP2   1 
ATOM   126 O  "O5'" . DT  A 1 7  ? 5.174   -7.411  -2.601  1.00 20.99 ? 7   DT  A "O5'" 1 
ATOM   127 C  "C5'" . DT  A 1 7  ? 5.763   -6.125  -2.874  1.00 21.60 ? 7   DT  A "C5'" 1 
ATOM   128 C  "C4'" . DT  A 1 7  ? 5.551   -5.253  -1.695  1.00 17.59 ? 7   DT  A "C4'" 1 
ATOM   129 O  "O4'" . DT  A 1 7  ? 4.312   -4.631  -1.588  1.00 3.68  ? 7   DT  A "O4'" 1 
ATOM   130 C  "C3'" . DT  A 1 7  ? 5.991   -5.758  -0.327  1.00 3.93  ? 7   DT  A "C3'" 1 
ATOM   131 O  "O3'" . DT  A 1 7  ? 6.979   -4.865  0.219   1.00 21.88 ? 7   DT  A "O3'" 1 
ATOM   132 C  "C2'" . DT  A 1 7  ? 4.682   -5.670  0.483   1.00 11.45 ? 7   DT  A "C2'" 1 
ATOM   133 C  "C1'" . DT  A 1 7  ? 4.083   -4.418  -0.129  1.00 12.63 ? 7   DT  A "C1'" 1 
ATOM   134 N  N1    . DT  A 1 7  ? 2.629   -4.389  0.067   1.00 7.74  ? 7   DT  A N1    1 
ATOM   135 C  C2    . DT  A 1 7  ? 2.087   -3.230  0.629   1.00 6.88  ? 7   DT  A C2    1 
ATOM   136 O  O2    . DT  A 1 7  ? 2.810   -2.311  1.006   1.00 2.00  ? 7   DT  A O2    1 
ATOM   137 N  N3    . DT  A 1 7  ? 0.727   -3.176  0.771   1.00 7.65  ? 7   DT  A N3    1 
ATOM   138 C  C4    . DT  A 1 7  ? -0.088  -4.202  0.413   1.00 9.82  ? 7   DT  A C4    1 
ATOM   139 O  O4    . DT  A 1 7  ? -1.331  -4.065  0.593   1.00 2.00  ? 7   DT  A O4    1 
ATOM   140 C  C5    . DT  A 1 7  ? 0.487   -5.370  -0.189  1.00 15.26 ? 7   DT  A C5    1 
ATOM   141 C  C7    . DT  A 1 7  ? -0.383  -6.507  -0.645  1.00 11.25 ? 7   DT  A C7    1 
ATOM   142 C  C6    . DT  A 1 7  ? 1.822   -5.414  -0.328  1.00 7.08  ? 7   DT  A C6    1 
ATOM   143 P  P     . DC  A 1 8  ? 7.952   -5.384  1.415   1.00 20.20 ? 8   DC  A P     1 
ATOM   144 O  OP1   . DC  A 1 8  ? 9.381   -5.240  0.925   1.00 16.84 ? 8   DC  A OP1   1 
ATOM   145 O  OP2   . DC  A 1 8  ? 7.502   -6.792  1.589   1.00 16.50 ? 8   DC  A OP2   1 
ATOM   146 O  "O5'" . DC  A 1 8  ? 7.664   -4.413  2.641   1.00 24.53 ? 8   DC  A "O5'" 1 
ATOM   147 C  "C5'" . DC  A 1 8  ? 7.832   -2.962  2.445   1.00 16.02 ? 8   DC  A "C5'" 1 
ATOM   148 C  "C4'" . DC  A 1 8  ? 6.739   -2.345  3.273   1.00 16.05 ? 8   DC  A "C4'" 1 
ATOM   149 O  "O4'" . DC  A 1 8  ? 5.476   -2.911  2.945   1.00 15.23 ? 8   DC  A "O4'" 1 
ATOM   150 C  "C3'" . DC  A 1 8  ? 6.919   -2.499  4.786   1.00 24.03 ? 8   DC  A "C3'" 1 
ATOM   151 O  "O3'" . DC  A 1 8  ? 7.142   -1.255  5.422   1.00 24.64 ? 8   DC  A "O3'" 1 
ATOM   152 C  "C2'" . DC  A 1 8  ? 5.688   -3.286  5.251   1.00 24.33 ? 8   DC  A "C2'" 1 
ATOM   153 C  "C1'" . DC  A 1 8  ? 4.696   -2.937  4.168   1.00 29.94 ? 8   DC  A "C1'" 1 
ATOM   154 N  N1    . DC  A 1 8  ? 3.502   -3.767  4.057   1.00 29.44 ? 8   DC  A N1    1 
ATOM   155 C  C2    . DC  A 1 8  ? 2.308   -3.207  4.516   1.00 22.22 ? 8   DC  A C2    1 
ATOM   156 O  O2    . DC  A 1 8  ? 2.293   -2.099  5.044   1.00 21.21 ? 8   DC  A O2    1 
ATOM   157 N  N3    . DC  A 1 8  ? 1.161   -3.949  4.408   1.00 23.53 ? 8   DC  A N3    1 
ATOM   158 C  C4    . DC  A 1 8  ? 1.162   -5.185  3.837   1.00 11.77 ? 8   DC  A C4    1 
ATOM   159 N  N4    . DC  A 1 8  ? -0.001  -5.838  3.730   1.00 6.18  ? 8   DC  A N4    1 
ATOM   160 C  C5    . DC  A 1 8  ? 2.381   -5.743  3.364   1.00 18.96 ? 8   DC  A C5    1 
ATOM   161 C  C6    . DC  A 1 8  ? 3.491   -5.009  3.480   1.00 20.64 ? 8   DC  A C6    1 
ATOM   162 P  P     . DT  A 1 9  ? 7.780   -1.030  6.880   1.00 19.90 ? 9   DT  A P     1 
ATOM   163 O  OP1   . DT  A 1 9  ? 8.626   0.202   6.944   1.00 25.04 ? 9   DT  A OP1   1 
ATOM   164 O  OP2   . DT  A 1 9  ? 8.515   -2.298  7.104   1.00 31.55 ? 9   DT  A OP2   1 
ATOM   165 O  "O5'" . DT  A 1 9  ? 6.484   -0.848  7.815   1.00 25.77 ? 9   DT  A "O5'" 1 
ATOM   166 C  "C5'" . DT  A 1 9  ? 5.839   0.461   7.850   1.00 21.19 ? 9   DT  A "C5'" 1 
ATOM   167 C  "C4'" . DT  A 1 9  ? 4.677   0.255   8.812   1.00 30.98 ? 9   DT  A "C4'" 1 
ATOM   168 O  "O4'" . DT  A 1 9  ? 3.670   -0.565  8.304   1.00 24.87 ? 9   DT  A "O4'" 1 
ATOM   169 C  "C3'" . DT  A 1 9  ? 5.124   -0.399  10.109  1.00 28.99 ? 9   DT  A "C3'" 1 
ATOM   170 O  "O3'" . DT  A 1 9  ? 5.683   0.510   10.988  1.00 44.62 ? 9   DT  A "O3'" 1 
ATOM   171 C  "C2'" . DT  A 1 9  ? 4.069   -1.402  10.456  1.00 25.72 ? 9   DT  A "C2'" 1 
ATOM   172 C  "C1'" . DT  A 1 9  ? 2.998   -1.257  9.410   1.00 15.84 ? 9   DT  A "C1'" 1 
ATOM   173 N  N1    . DT  A 1 9  ? 2.576   -2.558  8.828   1.00 24.88 ? 9   DT  A N1    1 
ATOM   174 C  C2    . DT  A 1 9  ? 1.213   -2.746  8.642   1.00 22.23 ? 9   DT  A C2    1 
ATOM   175 O  O2    . DT  A 1 9  ? 0.401   -1.888  8.991   1.00 21.65 ? 9   DT  A O2    1 
ATOM   176 N  N3    . DT  A 1 9  ? 0.808   -3.908  8.050   1.00 10.98 ? 9   DT  A N3    1 
ATOM   177 C  C4    . DT  A 1 9  ? 1.678   -4.865  7.638   1.00 15.47 ? 9   DT  A C4    1 
ATOM   178 O  O4    . DT  A 1 9  ? 1.189   -5.918  7.126   1.00 2.00  ? 9   DT  A O4    1 
ATOM   179 C  C5    . DT  A 1 9  ? 3.077   -4.653  7.834   1.00 14.38 ? 9   DT  A C5    1 
ATOM   180 C  C7    . DT  A 1 9  ? 4.085   -5.699  7.429   1.00 2.00  ? 9   DT  A C7    1 
ATOM   181 C  C6    . DT  A 1 9  ? 3.467   -3.505  8.405   1.00 13.86 ? 9   DT  A C6    1 
ATOM   182 P  P     . DA  A 1 10 ? 5.135   1.407   12.176  1.00 37.49 ? 10  DA  A P     1 
ATOM   183 O  OP1   . DA  A 1 10 ? 4.759   2.800   11.740  1.00 41.66 ? 10  DA  A OP1   1 
ATOM   184 O  OP2   . DA  A 1 10 ? 6.312   1.432   13.119  1.00 52.29 ? 10  DA  A OP2   1 
ATOM   185 O  "O5'" . DA  A 1 10 ? 3.871   0.645   12.782  1.00 37.37 ? 10  DA  A "O5'" 1 
ATOM   186 C  "C5'" . DA  A 1 10 ? 2.787   1.380   13.389  1.00 20.92 ? 10  DA  A "C5'" 1 
ATOM   187 C  "C4'" . DA  A 1 10 ? 1.887   0.416   14.097  1.00 38.59 ? 10  DA  A "C4'" 1 
ATOM   188 O  "O4'" . DA  A 1 10 ? 1.563   -0.687  13.284  1.00 12.83 ? 10  DA  A "O4'" 1 
ATOM   189 C  "C3'" . DA  A 1 10 ? 2.370   -0.135  15.449  1.00 40.45 ? 10  DA  A "C3'" 1 
ATOM   190 O  "O3'" . DA  A 1 10 ? 1.213   -0.417  16.277  1.00 52.13 ? 10  DA  A "O3'" 1 
ATOM   191 C  "C2'" . DA  A 1 10 ? 2.966   -1.492  14.985  1.00 38.89 ? 10  DA  A "C2'" 1 
ATOM   192 C  "C1'" . DA  A 1 10 ? 1.786   -1.894  14.096  1.00 29.28 ? 10  DA  A "C1'" 1 
ATOM   193 N  N9    . DA  A 1 10 ? 2.178   -2.972  13.166  1.00 30.20 ? 10  DA  A N9    1 
ATOM   194 C  C8    . DA  A 1 10 ? 3.432   -3.418  12.810  1.00 7.48  ? 10  DA  A C8    1 
ATOM   195 N  N7    . DA  A 1 10 ? 3.375   -4.395  11.929  1.00 19.44 ? 10  DA  A N7    1 
ATOM   196 C  C5    . DA  A 1 10 ? 2.016   -4.584  11.686  1.00 16.36 ? 10  DA  A C5    1 
ATOM   197 C  C6    . DA  A 1 10 ? 1.323   -5.489  10.839  1.00 16.87 ? 10  DA  A C6    1 
ATOM   198 N  N6    . DA  A 1 10 ? 1.906   -6.376  10.061  1.00 2.00  ? 10  DA  A N6    1 
ATOM   199 N  N1    . DA  A 1 10 ? -0.048  -5.377  10.854  1.00 15.51 ? 10  DA  A N1    1 
ATOM   200 C  C2    . DA  A 1 10 ? -0.684  -4.480  11.651  1.00 8.47  ? 10  DA  A C2    1 
ATOM   201 N  N3    . DA  A 1 10 ? -0.078  -3.592  12.460  1.00 20.21 ? 10  DA  A N3    1 
ATOM   202 C  C4    . DA  A 1 10 ? 1.261   -3.707  12.441  1.00 14.05 ? 10  DA  A C4    1 
ATOM   203 P  P     . DC  A 1 11 ? 1.000   0.376   17.664  1.00 14.46 ? 11  DC  A P     1 
ATOM   204 O  OP1   . DC  A 1 11 ? 1.145   1.859   17.442  1.00 51.21 ? 11  DC  A OP1   1 
ATOM   205 O  OP2   . DC  A 1 11 ? 2.131   -0.150  18.495  1.00 61.48 ? 11  DC  A OP2   1 
ATOM   206 O  "O5'" . DC  A 1 11 ? -0.455  -0.028  18.155  1.00 51.98 ? 11  DC  A "O5'" 1 
ATOM   207 C  "C5'" . DC  A 1 11 ? -1.611  0.355   17.363  1.00 41.96 ? 11  DC  A "C5'" 1 
ATOM   208 C  "C4'" . DC  A 1 11 ? -2.621  -0.737  17.464  1.00 27.69 ? 11  DC  A "C4'" 1 
ATOM   209 O  "O4'" . DC  A 1 11 ? -2.421  -1.775  16.557  1.00 17.87 ? 11  DC  A "O4'" 1 
ATOM   210 C  "C3'" . DC  A 1 11 ? -2.899  -1.397  18.802  1.00 27.35 ? 11  DC  A "C3'" 1 
ATOM   211 O  "O3'" . DC  A 1 11 ? -4.269  -1.852  18.874  1.00 46.29 ? 11  DC  A "O3'" 1 
ATOM   212 C  "C2'" . DC  A 1 11 ? -1.947  -2.604  18.697  1.00 26.18 ? 11  DC  A "C2'" 1 
ATOM   213 C  "C1'" . DC  A 1 11 ? -2.286  -3.034  17.261  1.00 21.62 ? 11  DC  A "C1'" 1 
ATOM   214 N  N1    . DC  A 1 11 ? -1.108  -3.768  16.740  1.00 27.88 ? 11  DC  A N1    1 
ATOM   215 C  C2    . DC  A 1 11 ? -1.354  -4.748  15.791  1.00 27.48 ? 11  DC  A C2    1 
ATOM   216 O  O2    . DC  A 1 11 ? -2.500  -5.002  15.430  1.00 8.30  ? 11  DC  A O2    1 
ATOM   217 N  N3    . DC  A 1 11 ? -0.276  -5.432  15.289  1.00 37.72 ? 11  DC  A N3    1 
ATOM   218 C  C4    . DC  A 1 11 ? 0.997   -5.170  15.707  1.00 24.86 ? 11  DC  A C4    1 
ATOM   219 N  N4    . DC  A 1 11 ? 2.003   -5.876  15.191  1.00 2.00  ? 11  DC  A N4    1 
ATOM   220 C  C5    . DC  A 1 11 ? 1.232   -4.139  16.665  1.00 21.26 ? 11  DC  A C5    1 
ATOM   221 C  C6    . DC  A 1 11 ? 0.167   -3.485  17.134  1.00 17.56 ? 11  DC  A C6    1 
ATOM   222 P  P     . DG  A 1 12 ? -5.064  -1.991  20.273  1.00 42.01 ? 12  DG  A P     1 
ATOM   223 O  OP1   . DG  A 1 12 ? -6.290  -1.109  20.306  1.00 61.67 ? 12  DG  A OP1   1 
ATOM   224 O  OP2   . DG  A 1 12 ? -4.087  -1.593  21.315  1.00 39.70 ? 12  DG  A OP2   1 
ATOM   225 O  "O5'" . DG  A 1 12 ? -5.537  -3.514  20.249  1.00 50.41 ? 12  DG  A "O5'" 1 
ATOM   226 C  "C5'" . DG  A 1 12 ? -5.937  -4.095  18.963  1.00 42.00 ? 12  DG  A "C5'" 1 
ATOM   227 C  "C4'" . DG  A 1 12 ? -5.456  -5.529  19.067  1.00 41.27 ? 12  DG  A "C4'" 1 
ATOM   228 O  "O4'" . DG  A 1 12 ? -4.107  -5.634  18.630  1.00 30.33 ? 12  DG  A "O4'" 1 
ATOM   229 C  "C3'" . DG  A 1 12 ? -5.534  -6.128  20.464  1.00 40.50 ? 12  DG  A "C3'" 1 
ATOM   230 O  "O3'" . DG  A 1 12 ? -6.525  -7.150  20.612  1.00 39.12 ? 12  DG  A "O3'" 1 
ATOM   231 C  "C2'" . DG  A 1 12 ? -4.123  -6.648  20.746  1.00 46.07 ? 12  DG  A "C2'" 1 
ATOM   232 C  "C1'" . DG  A 1 12 ? -3.620  -6.843  19.319  1.00 36.88 ? 12  DG  A "C1'" 1 
ATOM   233 N  N9    . DG  A 1 12 ? -2.147  -6.873  19.305  1.00 33.04 ? 12  DG  A N9    1 
ATOM   234 C  C8    . DG  A 1 12 ? -1.254  -6.154  20.039  1.00 23.43 ? 12  DG  A C8    1 
ATOM   235 N  N7    . DG  A 1 12 ? -0.003  -6.408  19.743  1.00 27.26 ? 12  DG  A N7    1 
ATOM   236 C  C5    . DG  A 1 12 ? -0.081  -7.374  18.745  1.00 29.81 ? 12  DG  A C5    1 
ATOM   237 C  C6    . DG  A 1 12 ? 0.920   -8.071  18.017  1.00 19.84 ? 12  DG  A C6    1 
ATOM   238 O  O6    . DG  A 1 12 ? 2.133   -7.963  18.134  1.00 2.00  ? 12  DG  A O6    1 
ATOM   239 N  N1    . DG  A 1 12 ? 0.451   -8.972  17.083  1.00 25.61 ? 12  DG  A N1    1 
ATOM   240 C  C2    . DG  A 1 12 ? -0.888  -9.172  16.888  1.00 17.02 ? 12  DG  A C2    1 
ATOM   241 N  N2    . DG  A 1 12 ? -1.190  -10.070 15.955  1.00 11.57 ? 12  DG  A N2    1 
ATOM   242 N  N3    . DG  A 1 12 ? -1.864  -8.555  17.544  1.00 21.04 ? 12  DG  A N3    1 
ATOM   243 C  C4    . DG  A 1 12 ? -1.401  -7.672  18.456  1.00 28.38 ? 12  DG  A C4    1 
ATOM   244 O  "O5'" . DC  B 1 1  ? 4.864   -16.575 13.617  1.00 23.03 ? 13  DC  B "O5'" 1 
ATOM   245 C  "C5'" . DC  B 1 1  ? 4.544   -15.725 12.495  1.00 21.91 ? 13  DC  B "C5'" 1 
ATOM   246 C  "C4'" . DC  B 1 1  ? 3.096   -15.293 12.581  1.00 30.10 ? 13  DC  B "C4'" 1 
ATOM   247 O  "O4'" . DC  B 1 1  ? 2.842   -14.489 13.733  1.00 22.69 ? 13  DC  B "O4'" 1 
ATOM   248 C  "C3'" . DC  B 1 1  ? 2.641   -14.408 11.395  1.00 17.81 ? 13  DC  B "C3'" 1 
ATOM   249 O  "O3'" . DC  B 1 1  ? 1.215   -14.401 11.244  1.00 34.54 ? 13  DC  B "O3'" 1 
ATOM   250 C  "C2'" . DC  B 1 1  ? 3.130   -13.036 11.915  1.00 26.17 ? 13  DC  B "C2'" 1 
ATOM   251 C  "C1'" . DC  B 1 1  ? 2.520   -13.159 13.315  1.00 9.18  ? 13  DC  B "C1'" 1 
ATOM   252 N  N1    . DC  B 1 1  ? 3.005   -12.094 14.171  1.00 9.00  ? 13  DC  B N1    1 
ATOM   253 C  C2    . DC  B 1 1  ? 2.020   -11.371 14.859  1.00 10.69 ? 13  DC  B C2    1 
ATOM   254 O  O2    . DC  B 1 1  ? 0.832   -11.637 14.763  1.00 17.60 ? 13  DC  B O2    1 
ATOM   255 N  N3    . DC  B 1 1  ? 2.430   -10.355 15.681  1.00 16.30 ? 13  DC  B N3    1 
ATOM   256 C  C4    . DC  B 1 1  ? 3.750   -10.025 15.805  1.00 14.34 ? 13  DC  B C4    1 
ATOM   257 N  N4    . DC  B 1 1  ? 4.058   -9.015  16.619  1.00 14.80 ? 13  DC  B N4    1 
ATOM   258 C  C5    . DC  B 1 1  ? 4.741   -10.743 15.068  1.00 11.45 ? 13  DC  B C5    1 
ATOM   259 C  C6    . DC  B 1 1  ? 4.322   -11.743 14.281  1.00 2.00  ? 13  DC  B C6    1 
ATOM   260 P  P     . DG  B 1 2  ? 0.512   -15.100 9.955   1.00 36.17 ? 14  DG  B P     1 
ATOM   261 O  OP1   . DG  B 1 2  ? 0.875   -16.556 9.906   1.00 31.99 ? 14  DG  B OP1   1 
ATOM   262 O  OP2   . DG  B 1 2  ? 1.094   -14.360 8.790   1.00 33.03 ? 14  DG  B OP2   1 
ATOM   263 O  "O5'" . DG  B 1 2  ? -1.030  -14.846 10.208  1.00 16.86 ? 14  DG  B "O5'" 1 
ATOM   264 C  "C5'" . DG  B 1 2  ? -1.702  -14.970 11.465  1.00 12.13 ? 14  DG  B "C5'" 1 
ATOM   265 C  "C4'" . DG  B 1 2  ? -2.890  -14.046 11.422  1.00 28.52 ? 14  DG  B "C4'" 1 
ATOM   266 O  "O4'" . DG  B 1 2  ? -2.715  -12.936 12.258  1.00 35.04 ? 14  DG  B "O4'" 1 
ATOM   267 C  "C3'" . DG  B 1 2  ? -3.312  -13.508 10.058  1.00 27.28 ? 14  DG  B "C3'" 1 
ATOM   268 O  "O3'" . DG  B 1 2  ? -4.744  -13.448 9.916   1.00 31.36 ? 14  DG  B "O3'" 1 
ATOM   269 C  "C2'" . DG  B 1 2  ? -2.746  -12.089 10.029  1.00 22.91 ? 14  DG  B "C2'" 1 
ATOM   270 C  "C1'" . DG  B 1 2  ? -2.770  -11.700 11.491  1.00 26.84 ? 14  DG  B "C1'" 1 
ATOM   271 N  N9    . DG  B 1 2  ? -1.520  -10.934 11.722  1.00 33.85 ? 14  DG  B N9    1 
ATOM   272 C  C8    . DG  B 1 2  ? -0.254  -11.231 11.271  1.00 26.31 ? 14  DG  B C8    1 
ATOM   273 N  N7    . DG  B 1 2  ? 0.639   -10.350 11.633  1.00 30.98 ? 14  DG  B N7    1 
ATOM   274 C  C5    . DG  B 1 2  ? -0.090  -9.409  12.362  1.00 27.01 ? 14  DG  B C5    1 
ATOM   275 C  C6    . DG  B 1 2  ? 0.301   -8.209  13.017  1.00 26.83 ? 14  DG  B C6    1 
ATOM   276 O  O6    . DG  B 1 2  ? 1.452   -7.737  13.059  1.00 3.48  ? 14  DG  B O6    1 
ATOM   277 N  N1    . DG  B 1 2  ? -0.726  -7.527  13.643  1.00 21.43 ? 14  DG  B N1    1 
ATOM   278 C  C2    . DG  B 1 2  ? -2.010  -7.983  13.615  1.00 19.36 ? 14  DG  B C2    1 
ATOM   279 N  N2    . DG  B 1 2  ? -2.924  -7.249  14.264  1.00 10.06 ? 14  DG  B N2    1 
ATOM   280 N  N3    . DG  B 1 2  ? -2.429  -9.110  13.028  1.00 23.78 ? 14  DG  B N3    1 
ATOM   281 C  C4    . DG  B 1 2  ? -1.420  -9.765  12.429  1.00 27.36 ? 14  DG  B C4    1 
ATOM   282 P  P     . DT  B 1 3  ? -5.381  -13.057 8.483   1.00 26.16 ? 15  DT  B P     1 
ATOM   283 O  OP1   . DT  B 1 3  ? -6.581  -13.922 8.204   1.00 46.25 ? 15  DT  B OP1   1 
ATOM   284 O  OP2   . DT  B 1 3  ? -4.254  -13.321 7.558   1.00 34.97 ? 15  DT  B OP2   1 
ATOM   285 O  "O5'" . DT  B 1 3  ? -5.800  -11.526 8.686   1.00 28.25 ? 15  DT  B "O5'" 1 
ATOM   286 C  "C5'" . DT  B 1 3  ? -6.827  -11.115 9.621   1.00 14.00 ? 15  DT  B "C5'" 1 
ATOM   287 C  "C4'" . DT  B 1 3  ? -6.630  -9.628  9.822   1.00 10.90 ? 15  DT  B "C4'" 1 
ATOM   288 O  "O4'" . DT  B 1 3  ? -5.348  -9.360  10.309  1.00 7.88  ? 15  DT  B "O4'" 1 
ATOM   289 C  "C3'" . DT  B 1 3  ? -6.827  -8.736  8.608   1.00 23.59 ? 15  DT  B "C3'" 1 
ATOM   290 O  "O3'" . DT  B 1 3  ? -8.085  -8.077  8.591   1.00 33.62 ? 15  DT  B "O3'" 1 
ATOM   291 C  "C2'" . DT  B 1 3  ? -5.679  -7.741  8.568   1.00 2.00  ? 15  DT  B "C2'" 1 
ATOM   292 C  "C1'" . DT  B 1 3  ? -4.947  -8.029  9.863   1.00 12.57 ? 15  DT  B "C1'" 1 
ATOM   293 N  N1    . DT  B 1 3  ? -3.502  -8.040  9.544   1.00 12.58 ? 15  DT  B N1    1 
ATOM   294 C  C2    . DT  B 1 3  ? -2.745  -6.986  10.065  1.00 17.66 ? 15  DT  B C2    1 
ATOM   295 O  O2    . DT  B 1 3  ? -3.281  -6.106  10.745  1.00 2.00  ? 15  DT  B O2    1 
ATOM   296 N  N3    . DT  B 1 3  ? -1.413  -6.972  9.761   1.00 8.31  ? 15  DT  B N3    1 
ATOM   297 C  C4    . DT  B 1 3  ? -0.822  -7.935  9.002   1.00 27.18 ? 15  DT  B C4    1 
ATOM   298 O  O4    . DT  B 1 3  ? 0.419   -7.853  8.783   1.00 17.71 ? 15  DT  B O4    1 
ATOM   299 C  C5    . DT  B 1 3  ? -1.626  -8.998  8.463   1.00 23.41 ? 15  DT  B C5    1 
ATOM   300 C  C7    . DT  B 1 3  ? -0.992  -10.064 7.629   1.00 2.00  ? 15  DT  B C7    1 
ATOM   301 C  C6    . DT  B 1 3  ? -2.939  -8.996  8.752   1.00 20.55 ? 15  DT  B C6    1 
ATOM   302 P  P     . DA  B 1 4  ? -8.919  -7.712  7.268   1.00 38.78 ? 16  DA  B P     1 
ATOM   303 O  OP1   . DA  B 1 4  ? -10.210 -8.495  7.306   1.00 45.62 ? 16  DA  B OP1   1 
ATOM   304 O  OP2   . DA  B 1 4  ? -8.125  -8.041  6.078   1.00 29.20 ? 16  DA  B OP2   1 
ATOM   305 O  "O5'" . DA  B 1 4  ? -9.189  -6.141  7.496   1.00 17.32 ? 16  DA  B "O5'" 1 
ATOM   306 C  "C5'" . DA  B 1 4  ? -9.260  -5.734  8.901   1.00 15.12 ? 16  DA  B "C5'" 1 
ATOM   307 C  "C4'" . DA  B 1 4  ? -8.806  -4.298  8.906   1.00 20.82 ? 16  DA  B "C4'" 1 
ATOM   308 O  "O4'" . DA  B 1 4  ? -7.405  -4.164  9.005   1.00 23.66 ? 16  DA  B "O4'" 1 
ATOM   309 C  "C3'" . DA  B 1 4  ? -9.198  -3.519  7.633   1.00 17.06 ? 16  DA  B "C3'" 1 
ATOM   310 O  "O3'" . DA  B 1 4  ? -9.165  -2.134  7.978   1.00 43.31 ? 16  DA  B "O3'" 1 
ATOM   311 C  "C2'" . DA  B 1 4  ? -7.993  -3.849  6.725   1.00 14.03 ? 16  DA  B "C2'" 1 
ATOM   312 C  "C1'" . DA  B 1 4  ? -6.868  -3.711  7.755   1.00 16.86 ? 16  DA  B "C1'" 1 
ATOM   313 N  N9    . DA  B 1 4  ? -5.727  -4.483  7.261   1.00 13.39 ? 16  DA  B N9    1 
ATOM   314 C  C8    . DA  B 1 4  ? -5.740  -5.495  6.322   1.00 12.33 ? 16  DA  B C8    1 
ATOM   315 N  N7    . DA  B 1 4  ? -4.544  -5.973  6.051   1.00 17.21 ? 16  DA  B N7    1 
ATOM   316 C  C5    . DA  B 1 4  ? -3.687  -5.226  6.859   1.00 22.85 ? 16  DA  B C5    1 
ATOM   317 C  C6    . DA  B 1 4  ? -2.282  -5.263  7.042   1.00 11.20 ? 16  DA  B C6    1 
ATOM   318 N  N6    . DA  B 1 4  ? -1.476  -6.101  6.401   1.00 7.30  ? 16  DA  B N6    1 
ATOM   319 N  N1    . DA  B 1 4  ? -1.791  -4.375  7.954   1.00 9.49  ? 16  DA  B N1    1 
ATOM   320 C  C2    . DA  B 1 4  ? -2.594  -3.529  8.629   1.00 2.00  ? 16  DA  B C2    1 
ATOM   321 N  N3    . DA  B 1 4  ? -3.919  -3.429  8.496   1.00 22.34 ? 16  DA  B N3    1 
ATOM   322 C  C4    . DA  B 1 4  ? -4.406  -4.302  7.601   1.00 23.18 ? 16  DA  B C4    1 
ATOM   323 P  P     . DG  B 1 5  ? -10.001 -0.975  7.260   1.00 36.71 ? 17  DG  B P     1 
ATOM   324 O  OP1   . DG  B 1 5  ? -11.182 -0.597  8.105   1.00 43.57 ? 17  DG  B OP1   1 
ATOM   325 O  OP2   . DG  B 1 5  ? -10.340 -1.530  5.937   1.00 40.43 ? 17  DG  B OP2   1 
ATOM   326 O  "O5'" . DG  B 1 5  ? -8.940  0.236   7.240   1.00 51.46 ? 17  DG  B "O5'" 1 
ATOM   327 C  "C5'" . DG  B 1 5  ? -8.015  0.290   8.386   1.00 50.85 ? 17  DG  B "C5'" 1 
ATOM   328 C  "C4'" . DG  B 1 5  ? -6.731  0.813   7.758   1.00 50.11 ? 17  DG  B "C4'" 1 
ATOM   329 O  "O4'" . DG  B 1 5  ? -5.868  -0.269  7.461   1.00 26.62 ? 17  DG  B "O4'" 1 
ATOM   330 C  "C3'" . DG  B 1 5  ? -7.028  1.515   6.432   1.00 53.05 ? 17  DG  B "C3'" 1 
ATOM   331 O  "O3'" . DG  B 1 5  ? -7.141  2.918   6.509   1.00 61.96 ? 17  DG  B "O3'" 1 
ATOM   332 C  "C2'" . DG  B 1 5  ? -6.101  0.916   5.418   1.00 34.28 ? 17  DG  B "C2'" 1 
ATOM   333 C  "C1'" . DG  B 1 5  ? -5.114  0.125   6.281   1.00 27.12 ? 17  DG  B "C1'" 1 
ATOM   334 N  N9    . DG  B 1 5  ? -4.764  -1.074  5.504   1.00 16.74 ? 17  DG  B N9    1 
ATOM   335 C  C8    . DG  B 1 5  ? -5.620  -1.851  4.758   1.00 19.14 ? 17  DG  B C8    1 
ATOM   336 N  N7    . DG  B 1 5  ? -5.016  -2.850  4.159   1.00 30.76 ? 17  DG  B N7    1 
ATOM   337 C  C5    . DG  B 1 5  ? -3.673  -2.707  4.524   1.00 29.37 ? 17  DG  B C5    1 
ATOM   338 C  C6    . DG  B 1 5  ? -2.519  -3.457  4.179   1.00 22.82 ? 17  DG  B C6    1 
ATOM   339 O  O6    . DG  B 1 5  ? -2.495  -4.481  3.484   1.00 2.00  ? 17  DG  B O6    1 
ATOM   340 N  N1    . DG  B 1 5  ? -1.357  -2.993  4.737   1.00 27.51 ? 17  DG  B N1    1 
ATOM   341 C  C2    . DG  B 1 5  ? -1.325  -1.893  5.540   1.00 30.38 ? 17  DG  B C2    1 
ATOM   342 N  N2    . DG  B 1 5  ? -0.127  -1.535  6.025   1.00 24.69 ? 17  DG  B N2    1 
ATOM   343 N  N3    . DG  B 1 5  ? -2.375  -1.141  5.886   1.00 30.84 ? 17  DG  B N3    1 
ATOM   344 C  C4    . DG  B 1 5  ? -3.518  -1.612  5.349   1.00 24.02 ? 17  DG  B C4    1 
ATOM   345 P  P     . DA  B 1 6  ? -5.977  3.980   6.225   1.00 61.69 ? 18  DA  B P     1 
ATOM   346 O  OP1   . DA  B 1 6  ? -6.391  5.367   6.666   1.00 61.38 ? 18  DA  B OP1   1 
ATOM   347 O  OP2   . DA  B 1 6  ? -5.805  3.924   4.746   1.00 68.76 ? 18  DA  B OP2   1 
ATOM   348 O  "O5'" . DA  B 1 6  ? -4.736  3.474   7.100   1.00 52.27 ? 18  DA  B "O5'" 1 
ATOM   349 C  "C5'" . DA  B 1 6  ? -3.687  4.419   7.442   1.00 35.33 ? 18  DA  B "C5'" 1 
ATOM   350 C  "C4'" . DA  B 1 6  ? -2.430  3.995   6.752   1.00 30.98 ? 18  DA  B "C4'" 1 
ATOM   351 O  "O4'" . DA  B 1 6  ? -2.503  2.757   6.096   1.00 28.37 ? 18  DA  B "O4'" 1 
ATOM   352 C  "C3'" . DA  B 1 6  ? -1.715  4.985   5.851   1.00 32.71 ? 18  DA  B "C3'" 1 
ATOM   353 O  "O3'" . DA  B 1 6  ? -0.471  5.429   6.381   1.00 20.19 ? 18  DA  B "O3'" 1 
ATOM   354 C  "C2'" . DA  B 1 6  ? -1.652  4.253   4.501   1.00 10.97 ? 18  DA  B "C2'" 1 
ATOM   355 C  "C1'" . DA  B 1 6  ? -1.583  2.815   4.946   1.00 21.79 ? 18  DA  B "C1'" 1 
ATOM   356 N  N9    . DA  B 1 6  ? -2.079  1.832   3.970   1.00 18.55 ? 18  DA  B N9    1 
ATOM   357 C  C8    . DA  B 1 6  ? -3.379  1.645   3.572   1.00 24.41 ? 18  DA  B C8    1 
ATOM   358 N  N7    . DA  B 1 6  ? -3.531  0.658   2.714   1.00 32.98 ? 18  DA  B N7    1 
ATOM   359 C  C5    . DA  B 1 6  ? -2.243  0.142   2.573   1.00 26.69 ? 18  DA  B C5    1 
ATOM   360 C  C6    . DA  B 1 6  ? -1.748  -0.931  1.798   1.00 18.27 ? 18  DA  B C6    1 
ATOM   361 N  N6    . DA  B 1 6  ? -2.491  -1.672  1.008   1.00 18.47 ? 18  DA  B N6    1 
ATOM   362 N  N1    . DA  B 1 6  ? -0.398  -1.149  1.899   1.00 18.31 ? 18  DA  B N1    1 
ATOM   363 C  C2    . DA  B 1 6  ? 0.381   -0.388  2.711   1.00 12.77 ? 18  DA  B C2    1 
ATOM   364 N  N3    . DA  B 1 6  ? -0.023  0.644   3.438   1.00 6.14  ? 18  DA  B N3    1 
ATOM   365 C  C4    . DA  B 1 6  ? -1.341  0.862   3.334   1.00 17.11 ? 18  DA  B C4    1 
ATOM   366 P  P     . DT  B 1 7  ? 0.401   6.678   5.880   1.00 34.28 ? 19  DT  B P     1 
ATOM   367 O  OP1   . DT  B 1 7  ? 1.032   7.353   7.078   1.00 44.42 ? 19  DT  B OP1   1 
ATOM   368 O  OP2   . DT  B 1 7  ? -0.596  7.560   5.211   1.00 44.63 ? 19  DT  B OP2   1 
ATOM   369 O  "O5'" . DT  B 1 7  ? 1.529   6.125   4.907   1.00 28.92 ? 19  DT  B "O5'" 1 
ATOM   370 C  "C5'" . DT  B 1 7  ? 2.238   4.907   5.240   1.00 30.14 ? 19  DT  B "C5'" 1 
ATOM   371 C  "C4'" . DT  B 1 7  ? 2.916   4.394   4.007   1.00 20.65 ? 19  DT  B "C4'" 1 
ATOM   372 O  "O4'" . DT  B 1 7  ? 2.261   3.386   3.297   1.00 14.51 ? 19  DT  B "O4'" 1 
ATOM   373 C  "C3'" . DT  B 1 7  ? 3.437   5.433   3.028   1.00 18.06 ? 19  DT  B "C3'" 1 
ATOM   374 O  "O3'" . DT  B 1 7  ? 4.867   5.311   2.967   1.00 9.72  ? 19  DT  B "O3'" 1 
ATOM   375 C  "C2'" . DT  B 1 7  ? 2.706   5.111   1.722   1.00 2.75  ? 19  DT  B "C2'" 1 
ATOM   376 C  "C1'" . DT  B 1 7  ? 2.540   3.598   1.873   1.00 9.76  ? 19  DT  B "C1'" 1 
ATOM   377 N  N1    . DT  B 1 7  ? 1.330   3.117   1.179   1.00 13.73 ? 19  DT  B N1    1 
ATOM   378 C  C2    . DT  B 1 7  ? 1.497   1.997   0.377   1.00 11.20 ? 19  DT  B C2    1 
ATOM   379 O  O2    . DT  B 1 7  ? 2.608   1.485   0.259   1.00 20.05 ? 19  DT  B O2    1 
ATOM   380 N  N3    . DT  B 1 7  ? 0.385   1.485   -0.242  1.00 13.14 ? 19  DT  B N3    1 
ATOM   381 C  C4    . DT  B 1 7  ? -0.850  2.033   -0.094  1.00 8.97  ? 19  DT  B C4    1 
ATOM   382 O  O4    . DT  B 1 7  ? -1.796  1.491   -0.724  1.00 2.00  ? 19  DT  B O4    1 
ATOM   383 C  C5    . DT  B 1 7  ? -0.997  3.188   0.740   1.00 11.78 ? 19  DT  B C5    1 
ATOM   384 C  C7    . DT  B 1 7  ? -2.343  3.832   0.930   1.00 7.80  ? 19  DT  B C7    1 
ATOM   385 C  C6    . DT  B 1 7  ? 0.092   3.675   1.344   1.00 4.22  ? 19  DT  B C6    1 
ATOM   386 P  P     . DC  B 1 8  ? 5.755   6.390   2.139   1.00 33.04 ? 20  DC  B P     1 
ATOM   387 O  OP1   . DC  B 1 8  ? 6.996   6.738   2.922   1.00 40.38 ? 20  DC  B OP1   1 
ATOM   388 O  OP2   . DC  B 1 8  ? 4.828   7.539   1.994   1.00 39.54 ? 20  DC  B OP2   1 
ATOM   389 O  "O5'" . DC  B 1 8  ? 6.097   5.596   0.793   1.00 27.32 ? 20  DC  B "O5'" 1 
ATOM   390 C  "C5'" . DC  B 1 8  ? 6.261   4.151   0.863   1.00 19.45 ? 20  DC  B "C5'" 1 
ATOM   391 C  "C4'" . DC  B 1 8  ? 6.536   3.636   -0.495  1.00 29.61 ? 20  DC  B "C4'" 1 
ATOM   392 O  "O4'" . DC  B 1 8  ? 5.461   3.046   -1.152  1.00 7.59  ? 20  DC  B "O4'" 1 
ATOM   393 C  "C3'" . DC  B 1 8  ? 7.151   4.556   -1.546  1.00 31.62 ? 20  DC  B "C3'" 1 
ATOM   394 O  "O3'" . DC  B 1 8  ? 7.878   3.742   -2.492  1.00 40.24 ? 20  DC  B "O3'" 1 
ATOM   395 C  "C2'" . DC  B 1 8  ? 5.876   5.070   -2.235  1.00 33.08 ? 20  DC  B "C2'" 1 
ATOM   396 C  "C1'" . DC  B 1 8  ? 5.135   3.745   -2.375  1.00 17.14 ? 20  DC  B "C1'" 1 
ATOM   397 N  N1    . DC  B 1 8  ? 3.667   3.998   -2.393  1.00 22.11 ? 20  DC  B N1    1 
ATOM   398 C  C2    . DC  B 1 8  ? 2.933   3.133   -3.204  1.00 5.44  ? 20  DC  B C2    1 
ATOM   399 O  O2    . DC  B 1 8  ? 3.494   2.240   -3.833  1.00 4.16  ? 20  DC  B O2    1 
ATOM   400 N  N3    . DC  B 1 8  ? 1.590   3.340   -3.269  1.00 10.47 ? 20  DC  B N3    1 
ATOM   401 C  C4    . DC  B 1 8  ? 0.953   4.286   -2.522  1.00 19.40 ? 20  DC  B C4    1 
ATOM   402 N  N4    . DC  B 1 8  ? -0.389  4.362   -2.615  1.00 2.00  ? 20  DC  B N4    1 
ATOM   403 C  C5    . DC  B 1 8  ? 1.732   5.156   -1.681  1.00 2.42  ? 20  DC  B C5    1 
ATOM   404 C  C6    . DC  B 1 8  ? 3.053   4.973   -1.672  1.00 2.00  ? 20  DC  B C6    1 
ATOM   405 P  P     . DT  B 1 9  ? 9.249   4.347   -3.107  1.00 54.05 ? 21  DT  B P     1 
ATOM   406 O  OP1   . DT  B 1 9  ? 10.437  3.583   -2.598  1.00 49.18 ? 21  DT  B OP1   1 
ATOM   407 O  OP2   . DT  B 1 9  ? 9.235   5.750   -2.619  1.00 46.18 ? 21  DT  B OP2   1 
ATOM   408 O  "O5'" . DT  B 1 9  ? 9.025   4.144   -4.674  1.00 49.87 ? 21  DT  B "O5'" 1 
ATOM   409 C  "C5'" . DT  B 1 9  ? 8.733   2.813   -5.190  1.00 48.87 ? 21  DT  B "C5'" 1 
ATOM   410 C  "C4'" . DT  B 1 9  ? 7.931   2.973   -6.452  1.00 37.24 ? 21  DT  B "C4'" 1 
ATOM   411 O  "O4'" . DT  B 1 9  ? 6.549   3.031   -6.178  1.00 36.93 ? 21  DT  B "O4'" 1 
ATOM   412 C  "C3'" . DT  B 1 9  ? 8.270   4.119   -7.386  1.00 29.44 ? 21  DT  B "C3'" 1 
ATOM   413 O  "O3'" . DT  B 1 9  ? 8.279   3.707   -8.754  1.00 37.42 ? 21  DT  B "O3'" 1 
ATOM   414 C  "C2'" . DT  B 1 9  ? 7.074   5.082   -7.166  1.00 30.71 ? 21  DT  B "C2'" 1 
ATOM   415 C  "C1'" . DT  B 1 9  ? 5.959   4.035   -7.038  1.00 19.34 ? 21  DT  B "C1'" 1 
ATOM   416 N  N1    . DT  B 1 9  ? 4.773   4.672   -6.464  1.00 24.43 ? 21  DT  B N1    1 
ATOM   417 C  C2    . DT  B 1 9  ? 3.542   4.132   -6.821  1.00 17.76 ? 21  DT  B C2    1 
ATOM   418 O  O2    . DT  B 1 9  ? 3.463   3.163   -7.569  1.00 16.82 ? 21  DT  B O2    1 
ATOM   419 N  N3    . DT  B 1 9  ? 2.415   4.744   -6.338  1.00 22.37 ? 21  DT  B N3    1 
ATOM   420 C  C4    . DT  B 1 9  ? 2.461   5.816   -5.504  1.00 28.13 ? 21  DT  B C4    1 
ATOM   421 O  O4    . DT  B 1 9  ? 1.353   6.285   -5.100  1.00 4.96  ? 21  DT  B O4    1 
ATOM   422 C  C5    . DT  B 1 9  ? 3.740   6.343   -5.129  1.00 26.02 ? 21  DT  B C5    1 
ATOM   423 C  C7    . DT  B 1 9  ? 3.836   7.532   -4.216  1.00 19.31 ? 21  DT  B C7    1 
ATOM   424 C  C6    . DT  B 1 9  ? 4.838   5.755   -5.631  1.00 20.25 ? 21  DT  B C6    1 
ATOM   425 P  P     . DA  B 1 10 ? 9.557   3.263   -9.595  1.00 42.29 ? 22  DA  B P     1 
ATOM   426 O  OP1   . DA  B 1 10 ? 10.562  2.581   -8.715  1.00 43.82 ? 22  DA  B OP1   1 
ATOM   427 O  OP2   . DA  B 1 10 ? 10.049  4.542   -10.169 1.00 49.89 ? 22  DA  B OP2   1 
ATOM   428 O  "O5'" . DA  B 1 10 ? 8.996   2.242   -10.702 1.00 32.82 ? 22  DA  B "O5'" 1 
ATOM   429 C  "C5'" . DA  B 1 10 ? 7.925   1.319   -10.339 1.00 20.93 ? 22  DA  B "C5'" 1 
ATOM   430 C  "C4'" . DA  B 1 10 ? 6.909   1.395   -11.424 1.00 27.81 ? 22  DA  B "C4'" 1 
ATOM   431 O  "O4'" . DA  B 1 10 ? 5.725   2.084   -11.135 1.00 23.03 ? 22  DA  B "O4'" 1 
ATOM   432 C  "C3'" . DA  B 1 10 ? 7.360   1.865   -12.813 1.00 34.45 ? 22  DA  B "C3'" 1 
ATOM   433 O  "O3'" . DA  B 1 10 ? 6.694   1.032   -13.786 1.00 51.01 ? 22  DA  B "O3'" 1 
ATOM   434 C  "C2'" . DA  B 1 10 ? 6.858   3.311   -12.831 1.00 22.16 ? 22  DA  B "C2'" 1 
ATOM   435 C  "C1'" . DA  B 1 10 ? 5.513   3.159   -12.117 1.00 19.58 ? 22  DA  B "C1'" 1 
ATOM   436 N  N9    . DA  B 1 10 ? 5.247   4.360   -11.307 1.00 19.85 ? 22  DA  B N9    1 
ATOM   437 C  C8    . DA  B 1 10 ? 6.150   5.250   -10.773 1.00 15.87 ? 22  DA  B C8    1 
ATOM   438 N  N7    . DA  B 1 10 ? 5.599   6.208   -10.060 1.00 12.16 ? 22  DA  B N7    1 
ATOM   439 C  C5    . DA  B 1 10 ? 4.237   5.902   -10.117 1.00 21.31 ? 22  DA  B C5    1 
ATOM   440 C  C6    . DA  B 1 10 ? 3.112   6.557   -9.556  1.00 18.29 ? 22  DA  B C6    1 
ATOM   441 N  N6    . DA  B 1 10 ? 3.179   7.649   -8.819  1.00 2.61  ? 22  DA  B N6    1 
ATOM   442 N  N1    . DA  B 1 10 ? 1.905   5.975   -9.839  1.00 28.17 ? 22  DA  B N1    1 
ATOM   443 C  C2    . DA  B 1 10 ? 1.815   4.837   -10.589 1.00 18.95 ? 22  DA  B C2    1 
ATOM   444 N  N3    . DA  B 1 10 ? 2.824   4.181   -11.140 1.00 23.73 ? 22  DA  B N3    1 
ATOM   445 C  C4    . DA  B 1 10 ? 4.007   4.764   -10.863 1.00 21.56 ? 22  DA  B C4    1 
ATOM   446 P  P     . DC  B 1 11 ? 6.716   1.205   -15.364 1.00 47.69 ? 23  DC  B P     1 
ATOM   447 O  OP1   . DC  B 1 11 ? 7.104   -0.088  -16.030 1.00 58.32 ? 23  DC  B OP1   1 
ATOM   448 O  OP2   . DC  B 1 11 ? 7.704   2.286   -15.642 1.00 48.63 ? 23  DC  B OP2   1 
ATOM   449 O  "O5'" . DC  B 1 11 ? 5.212   1.605   -15.757 1.00 48.99 ? 23  DC  B "O5'" 1 
ATOM   450 C  "C5'" . DC  B 1 11 ? 4.095   0.745   -15.425 1.00 32.27 ? 23  DC  B "C5'" 1 
ATOM   451 C  "C4'" . DC  B 1 11 ? 2.846   1.517   -15.796 1.00 29.99 ? 23  DC  B "C4'" 1 
ATOM   452 O  "O4'" . DC  B 1 11 ? 2.652   2.563   -14.861 1.00 17.14 ? 23  DC  B "O4'" 1 
ATOM   453 C  "C3'" . DC  B 1 11 ? 2.840   2.191   -17.177 1.00 22.26 ? 23  DC  B "C3'" 1 
ATOM   454 O  "O3'" . DC  B 1 11 ? 1.491   2.362   -17.639 1.00 35.07 ? 23  DC  B "O3'" 1 
ATOM   455 C  "C2'" . DC  B 1 11 ? 3.370   3.614   -16.822 1.00 13.98 ? 23  DC  B "C2'" 1 
ATOM   456 C  "C1'" . DC  B 1 11 ? 2.508   3.794   -15.583 1.00 10.22 ? 23  DC  B "C1'" 1 
ATOM   457 N  N1    . DC  B 1 11 ? 2.906   4.973   -14.811 1.00 23.45 ? 23  DC  B N1    1 
ATOM   458 C  C2    . DC  B 1 11 ? 1.859   5.730   -14.279 1.00 17.26 ? 23  DC  B C2    1 
ATOM   459 O  O2    . DC  B 1 11 ? 0.704   5.373   -14.484 1.00 3.39  ? 23  DC  B O2    1 
ATOM   460 N  N3    . DC  B 1 11 ? 2.180   6.848   -13.551 1.00 25.55 ? 23  DC  B N3    1 
ATOM   461 C  C4    . DC  B 1 11 ? 3.469   7.242   -13.372 1.00 14.93 ? 23  DC  B C4    1 
ATOM   462 N  N4    . DC  B 1 11 ? 3.746   8.340   -12.665 1.00 21.94 ? 23  DC  B N4    1 
ATOM   463 C  C5    . DC  B 1 11 ? 4.526   6.456   -13.910 1.00 28.04 ? 23  DC  B C5    1 
ATOM   464 C  C6    . DC  B 1 11 ? 4.200   5.355   -14.611 1.00 21.05 ? 23  DC  B C6    1 
ATOM   465 P  P     . DG  B 1 12 ? 1.082   1.779   -19.104 1.00 36.90 ? 24  DG  B P     1 
ATOM   466 O  OP1   . DG  B 1 12 ? 1.038   0.269   -19.061 1.00 35.02 ? 24  DG  B OP1   1 
ATOM   467 O  OP2   . DG  B 1 12 ? 2.174   2.293   -19.971 1.00 13.83 ? 24  DG  B OP2   1 
ATOM   468 O  "O5'" . DG  B 1 12 ? -0.365  2.372   -19.329 1.00 20.88 ? 24  DG  B "O5'" 1 
ATOM   469 C  "C5'" . DG  B 1 12 ? -1.457  2.083   -18.408 1.00 13.84 ? 24  DG  B "C5'" 1 
ATOM   470 C  "C4'" . DG  B 1 12 ? -2.424  3.238   -18.632 1.00 27.70 ? 24  DG  B "C4'" 1 
ATOM   471 O  "O4'" . DG  B 1 12 ? -2.042  4.311   -17.800 1.00 19.94 ? 24  DG  B "O4'" 1 
ATOM   472 C  "C3'" . DG  B 1 12 ? -2.513  3.736   -20.057 1.00 17.11 ? 24  DG  B "C3'" 1 
ATOM   473 O  "O3'" . DG  B 1 12 ? -3.796  3.722   -20.697 1.00 21.77 ? 24  DG  B "O3'" 1 
ATOM   474 C  "C2'" . DG  B 1 12 ? -1.831  5.087   -20.033 1.00 14.90 ? 24  DG  B "C2'" 1 
ATOM   475 C  "C1'" . DG  B 1 12 ? -1.950  5.535   -18.610 1.00 12.43 ? 24  DG  B "C1'" 1 
ATOM   476 N  N9    . DG  B 1 12 ? -0.772  6.253   -18.088 1.00 10.25 ? 24  DG  B N9    1 
ATOM   477 C  C8    . DG  B 1 12 ? 0.560   5.968   -18.234 1.00 13.41 ? 24  DG  B C8    1 
ATOM   478 N  N7    . DG  B 1 12 ? 1.355   6.797   -17.603 1.00 10.64 ? 24  DG  B N7    1 
ATOM   479 C  C5    . DG  B 1 12 ? 0.481   7.653   -16.938 1.00 22.46 ? 24  DG  B C5    1 
ATOM   480 C  C6    . DG  B 1 12 ? 0.717   8.754   -16.059 1.00 16.61 ? 24  DG  B C6    1 
ATOM   481 O  O6    . DG  B 1 12 ? 1.825   9.162   -15.669 1.00 2.03  ? 24  DG  B O6    1 
ATOM   482 N  N1    . DG  B 1 12 ? -0.416  9.401   -15.616 1.00 5.55  ? 24  DG  B N1    1 
ATOM   483 C  C2    . DG  B 1 12 ? -1.659  8.991   -15.990 1.00 5.70  ? 24  DG  B C2    1 
ATOM   484 N  N2    . DG  B 1 12 ? -2.691  9.671   -15.517 1.00 2.00  ? 24  DG  B N2    1 
ATOM   485 N  N3    . DG  B 1 12 ? -1.949  7.941   -16.799 1.00 17.55 ? 24  DG  B N3    1 
ATOM   486 C  C4    . DG  B 1 12 ? -0.830  7.339   -17.248 1.00 7.06  ? 24  DG  B C4    1 
HETATM 487 MG MG    . MG  C 2 .  ? -6.918  18.352  -11.358 0.50 7.05  ? 25  MG  A MG    1 
HETATM 488 O  O     . HOH D 3 .  ? -4.827  18.803  -10.937 1.00 17.94 ? 26  HOH A O     1 
HETATM 489 O  O     . HOH D 3 .  ? -7.215  19.434  -9.072  1.00 20.29 ? 27  HOH A O     1 
HETATM 490 O  O     . HOH D 3 .  ? -5.765  18.254  -7.241  1.00 2.00  ? 28  HOH A O     1 
HETATM 491 O  O     . HOH D 3 .  ? 0.578   10.435  -6.059  1.00 21.11 ? 32  HOH A O     1 
HETATM 492 O  O     . HOH D 3 .  ? 2.713   -2.583  -7.403  1.00 34.25 ? 34  HOH A O     1 
HETATM 493 O  O     . HOH D 3 .  ? -5.800  7.005   -5.680  1.00 35.13 ? 36  HOH A O     1 
HETATM 494 O  O     . HOH D 3 .  ? 8.635   -8.400  -0.104  1.00 2.63  ? 37  HOH A O     1 
HETATM 495 O  O     . HOH D 3 .  ? -3.068  6.269   -4.697  1.00 22.77 ? 38  HOH A O     1 
HETATM 496 O  O     . HOH D 3 .  ? 5.453   -7.785  2.219   1.00 24.07 ? 39  HOH A O     1 
HETATM 497 O  O     . HOH D 3 .  ? 2.859   -9.177  -0.629  1.00 38.30 ? 40  HOH A O     1 
HETATM 498 O  O     . HOH D 3 .  ? -4.251  4.277   -3.163  1.00 34.78 ? 42  HOH A O     1 
HETATM 499 O  O     . HOH D 3 .  ? -5.400  1.873   -2.934  1.00 25.94 ? 43  HOH A O     1 
HETATM 500 O  O     . HOH D 3 .  ? -4.332  -1.260  -1.772  1.00 8.74  ? 44  HOH A O     1 
HETATM 501 O  O     . HOH D 3 .  ? -7.238  -0.879  -2.024  1.00 8.07  ? 46  HOH A O     1 
HETATM 502 O  O     . HOH D 3 .  ? -8.035  -4.260  -0.688  1.00 14.08 ? 47  HOH A O     1 
HETATM 503 O  O     . HOH D 3 .  ? 5.241   -5.458  15.750  1.00 25.87 ? 55  HOH A O     1 
HETATM 504 O  O     . HOH D 3 .  ? -8.313  15.158  -8.772  1.00 10.72 ? 56  HOH A O     1 
HETATM 505 O  O     . HOH D 3 .  ? -7.441  4.881   -7.225  1.00 21.06 ? 57  HOH A O     1 
HETATM 506 O  O     . HOH D 3 .  ? -7.969  1.670   -6.280  1.00 20.01 ? 58  HOH A O     1 
HETATM 507 O  O     . HOH D 3 .  ? -5.635  -7.331  -11.158 1.00 34.51 ? 60  HOH A O     1 
HETATM 508 O  O     . HOH D 3 .  ? -2.564  -7.183  -10.728 1.00 19.08 ? 61  HOH A O     1 
HETATM 509 O  O     . HOH D 3 .  ? -3.768  -8.849  -13.564 1.00 50.10 ? 62  HOH A O     1 
HETATM 510 O  O     . HOH D 3 .  ? 2.761   -11.514 -4.305  1.00 24.79 ? 63  HOH A O     1 
HETATM 511 O  O     . HOH D 3 .  ? 11.718  -4.440  3.404   1.00 43.73 ? 64  HOH A O     1 
HETATM 512 O  O     . HOH D 3 .  ? 10.329  -3.519  5.978   1.00 42.05 ? 65  HOH A O     1 
HETATM 513 O  O     . HOH D 3 .  ? 11.291  0.640   6.759   1.00 25.36 ? 66  HOH A O     1 
HETATM 514 O  O     . HOH D 3 .  ? 11.368  2.951   7.949   1.00 11.40 ? 67  HOH A O     1 
HETATM 515 O  O     . HOH D 3 .  ? 4.760   12.272  -15.143 1.00 33.92 ? 74  HOH A O     1 
HETATM 516 O  O     . HOH D 3 .  ? 4.847   11.159  -12.041 1.00 36.29 ? 75  HOH A O     1 
HETATM 517 O  O     . HOH D 3 .  ? 2.905   -1.535  -9.398  1.00 33.59 ? 77  HOH A O     1 
HETATM 518 O  O     . HOH D 3 .  ? -5.863  3.419   -1.410  1.00 46.73 ? 78  HOH A O     1 
HETATM 519 O  O     . HOH D 3 .  ? -0.278  13.085  -6.707  1.00 22.44 ? 79  HOH A O     1 
HETATM 520 O  O     . HOH D 3 .  ? 4.696   -3.404  -5.679  1.00 36.03 ? 84  HOH A O     1 
HETATM 521 O  O     . HOH D 3 .  ? 2.660   0.806   5.492   1.00 44.92 ? 86  HOH A O     1 
HETATM 522 O  O     . HOH D 3 .  ? 0.137   -8.894  2.797   1.00 35.04 ? 87  HOH A O     1 
HETATM 523 O  O     . HOH D 3 .  ? -9.423  -1.300  20.555  1.00 28.74 ? 88  HOH A O     1 
HETATM 524 O  O     . HOH D 3 .  ? -7.175  -7.005  23.351  1.00 50.61 ? 89  HOH A O     1 
HETATM 525 O  O     . HOH D 3 .  ? -8.651  -4.313  22.255  1.00 46.72 ? 90  HOH A O     1 
HETATM 526 O  O     . HOH D 3 .  ? -7.015  0.552   18.644  0.50 20.21 ? 91  HOH A O     1 
HETATM 527 O  O     . HOH D 3 .  ? -7.202  -1.826  -13.244 1.00 61.78 ? 98  HOH A O     1 
HETATM 528 O  O     . HOH D 3 .  ? -10.922 3.729   -10.438 1.00 61.80 ? 100 HOH A O     1 
HETATM 529 O  O     . HOH D 3 .  ? -9.302  -0.816  -10.464 1.00 44.29 ? 101 HOH A O     1 
HETATM 530 O  O     . HOH D 3 .  ? -8.897  -1.351  -7.463  1.00 73.19 ? 102 HOH A O     1 
HETATM 531 O  O     . HOH D 3 .  ? 12.807  -2.698  -2.279  1.00 52.80 ? 107 HOH A O     1 
HETATM 532 O  O     . HOH D 3 .  ? 9.630   -3.106  -1.486  1.00 37.85 ? 108 HOH A O     1 
HETATM 533 O  O     . HOH D 3 .  ? -8.732  -4.567  -12.577 1.00 51.82 ? 112 HOH A O     1 
HETATM 534 O  O     . HOH D 3 .  ? 0.985   2.840   15.158  1.00 32.97 ? 115 HOH A O     1 
HETATM 535 O  O     . HOH D 3 .  ? 3.222   5.368   15.820  1.00 77.38 ? 116 HOH A O     1 
HETATM 536 O  O     . HOH D 3 .  ? -5.196  -3.379  23.654  1.00 24.68 ? 117 HOH A O     1 
HETATM 537 O  O     . HOH D 3 .  ? -1.686  -1.788  13.837  1.00 26.20 ? 118 HOH A O     1 
HETATM 538 O  O     . HOH D 3 .  ? 3.090   11.443  -9.812  1.00 47.77 ? 129 HOH A O     1 
HETATM 539 O  O     . HOH D 3 .  ? -4.801  6.515   -1.652  1.00 59.69 ? 130 HOH A O     1 
HETATM 540 O  O     . HOH D 3 .  ? -6.697  -1.816  -4.484  1.00 57.82 ? 136 HOH A O     1 
HETATM 541 O  O     . HOH D 3 .  ? -9.634  -0.637  -1.184  1.00 51.81 ? 137 HOH A O     1 
HETATM 542 O  O     . HOH D 3 .  ? 8.931   3.249   8.871   1.00 45.06 ? 139 HOH A O     1 
HETATM 543 O  O     . HOH D 3 .  ? -3.326  14.317  -7.346  1.00 91.95 ? 140 HOH A O     1 
HETATM 544 O  O     . HOH D 3 .  ? -14.687 -3.447  27.665  1.00 59.13 ? 141 HOH A O     1 
HETATM 545 O  O     . HOH D 3 .  ? 3.901   3.126   8.374   1.00 41.30 ? 142 HOH A O     1 
HETATM 546 O  O     . HOH D 3 .  ? 2.573   -10.081 3.388   1.00 53.56 ? 144 HOH A O     1 
HETATM 547 O  O     . HOH D 3 .  ? -0.855  -10.782 -1.012  1.00 77.88 ? 145 HOH A O     1 
HETATM 548 O  O     . HOH D 3 .  ? -2.293  -8.161  -2.804  1.00 36.92 ? 146 HOH A O     1 
HETATM 549 O  O     . HOH D 3 .  ? -9.295  -2.889  -2.563  1.00 58.74 ? 148 HOH A O     1 
HETATM 550 O  O     . HOH D 3 .  ? 7.115   12.241  -17.152 1.00 35.79 ? 153 HOH A O     1 
HETATM 551 O  O     . HOH D 3 .  ? -9.551  -6.993  25.193  1.00 35.81 ? 154 HOH A O     1 
HETATM 552 O  O     . HOH D 3 .  ? 11.939  -4.898  5.927   1.00 70.36 ? 156 HOH A O     1 
HETATM 553 O  O     . HOH D 3 .  ? 12.807  -4.051  1.456   1.00 69.70 ? 157 HOH A O     1 
HETATM 554 O  O     . HOH D 3 .  ? 1.457   -3.760  -12.656 1.00 79.37 ? 158 HOH A O     1 
HETATM 555 O  O     . HOH D 3 .  ? 0.997   1.965   7.260   1.00 64.60 ? 161 HOH A O     1 
HETATM 556 O  O     . HOH D 3 .  ? -12.410 -5.708  26.327  1.00 79.56 ? 162 HOH A O     1 
HETATM 557 O  O     . HOH E 3 .  ? 3.618   10.866  -17.741 1.00 17.33 ? 29  HOH B O     1 
HETATM 558 O  O     . HOH E 3 .  ? 4.135   7.695   -17.393 1.00 40.82 ? 30  HOH B O     1 
HETATM 559 O  O     . HOH E 3 .  ? 6.003   9.182   -9.070  1.00 56.49 ? 31  HOH B O     1 
HETATM 560 O  O     . HOH E 3 .  ? 4.721   1.128   -8.764  1.00 30.90 ? 33  HOH B O     1 
HETATM 561 O  O     . HOH E 3 .  ? 0.205   8.409   -3.718  1.00 21.96 ? 35  HOH B O     1 
HETATM 562 O  O     . HOH E 3 .  ? -1.461  6.666   -1.719  1.00 16.10 ? 41  HOH B O     1 
HETATM 563 O  O     . HOH E 3 .  ? -5.515  1.633   0.831   1.00 25.57 ? 45  HOH B O     1 
HETATM 564 O  O     . HOH E 3 .  ? 5.065   -0.092  0.248   1.00 11.32 ? 48  HOH B O     1 
HETATM 565 O  O     . HOH E 3 .  ? -5.776  -6.281  2.528   1.00 20.43 ? 49  HOH B O     1 
HETATM 566 O  O     . HOH E 3 .  ? -5.168  -7.777  0.136   1.00 19.69 ? 50  HOH B O     1 
HETATM 567 O  O     . HOH E 3 .  ? -7.518  -9.897  2.133   1.00 16.20 ? 51  HOH B O     1 
HETATM 568 O  O     . HOH E 3 .  ? 13.337  2.385   -2.284  1.00 40.97 ? 52  HOH B O     1 
HETATM 569 O  O     . HOH E 3 .  ? -3.560  -9.924  1.466   1.00 11.16 ? 53  HOH B O     1 
HETATM 570 O  O     . HOH E 3 .  ? 2.240   -8.776  6.561   1.00 20.74 ? 54  HOH B O     1 
HETATM 571 O  O     . HOH E 3 .  ? 6.445   1.880   -22.827 1.00 13.03 ? 59  HOH B O     1 
HETATM 572 O  O     . HOH E 3 .  ? 5.014   0.465   -20.217 1.00 34.94 ? 68  HOH B O     1 
HETATM 573 O  O     . HOH E 3 .  ? 4.203   -15.365 16.155  1.00 13.82 ? 69  HOH B O     1 
HETATM 574 O  O     . HOH E 3 .  ? 9.677   7.450   1.382   1.00 28.02 ? 70  HOH B O     1 
HETATM 575 O  O     . HOH E 3 .  ? -13.287 0.962   5.828   1.00 31.16 ? 71  HOH B O     1 
HETATM 576 O  O     . HOH E 3 .  ? 6.849   9.608   1.594   1.00 20.20 ? 72  HOH B O     1 
HETATM 577 O  O     . HOH E 3 .  ? 11.794  7.480   -3.501  1.00 39.17 ? 73  HOH B O     1 
HETATM 578 O  O     . HOH E 3 .  ? 1.760   -12.274 5.217   1.00 27.64 ? 76  HOH B O     1 
HETATM 579 O  O     . HOH E 3 .  ? 2.385   9.979   8.532   1.00 28.41 ? 80  HOH B O     1 
HETATM 580 O  O     . HOH E 3 .  ? 4.533   1.128   4.169   1.00 21.07 ? 81  HOH B O     1 
HETATM 581 O  O     . HOH E 3 .  ? 7.401   -0.825  -1.670  1.00 22.38 ? 82  HOH B O     1 
HETATM 582 O  O     . HOH E 3 .  ? 5.745   -0.141  -4.888  1.00 80.80 ? 83  HOH B O     1 
HETATM 583 O  O     . HOH E 3 .  ? 4.373   8.150   8.723   1.00 35.69 ? 85  HOH B O     1 
HETATM 584 O  O     . HOH E 3 .  ? 6.639   2.924   5.040   1.00 31.24 ? 92  HOH B O     1 
HETATM 585 O  O     . HOH E 3 .  ? 8.351   5.272   4.370   1.00 36.05 ? 93  HOH B O     1 
HETATM 586 O  O     . HOH E 3 .  ? -9.248  -1.251  2.745   1.00 30.93 ? 94  HOH B O     1 
HETATM 587 O  O     . HOH E 3 .  ? 10.561  7.342   -10.143 1.00 65.80 ? 95  HOH B O     1 
HETATM 588 O  O     . HOH E 3 .  ? 10.403  8.016   -6.721  1.00 32.34 ? 96  HOH B O     1 
HETATM 589 O  O     . HOH E 3 .  ? 7.875   5.286   -15.344 1.00 14.13 ? 97  HOH B O     1 
HETATM 590 O  O     . HOH E 3 .  ? 6.017   9.099   -19.750 1.00 48.62 ? 99  HOH B O     1 
HETATM 591 O  O     . HOH E 3 .  ? 10.440  12.251  -10.153 1.00 55.48 ? 103 HOH B O     1 
HETATM 592 O  O     . HOH E 3 .  ? -4.267  -17.973 1.697   1.00 40.07 ? 104 HOH B O     1 
HETATM 593 O  O     . HOH E 3 .  ? -0.961  -13.754 6.599   1.00 23.00 ? 105 HOH B O     1 
HETATM 594 O  O     . HOH E 3 .  ? -8.053  -13.074 5.693   1.00 56.45 ? 106 HOH B O     1 
HETATM 595 O  O     . HOH E 3 .  ? -8.883  -4.336  3.143   1.00 44.73 ? 109 HOH B O     1 
HETATM 596 O  O     . HOH E 3 .  ? -4.431  -3.805  0.342   1.00 31.46 ? 110 HOH B O     1 
HETATM 597 O  O     . HOH E 3 .  ? 8.689   11.329  -20.059 1.00 48.88 ? 111 HOH B O     1 
HETATM 598 O  O     . HOH E 3 .  ? 5.458   10.161  -6.271  1.00 25.89 ? 113 HOH B O     1 
HETATM 599 O  O     . HOH E 3 .  ? 11.317  3.226   0.894   1.00 28.73 ? 114 HOH B O     1 
HETATM 600 O  O     . HOH E 3 .  ? -9.479  -2.586  11.109  1.00 26.38 ? 119 HOH B O     1 
HETATM 601 O  O     . HOH E 3 .  ? -7.446  5.517   9.741   1.00 50.93 ? 120 HOH B O     1 
HETATM 602 O  O     . HOH E 3 .  ? -5.099  7.348   7.848   1.00 31.24 ? 121 HOH B O     1 
HETATM 603 O  O     . HOH E 3 .  ? -0.794  6.766   2.251   1.00 19.40 ? 122 HOH B O     1 
HETATM 604 O  O     . HOH E 3 .  ? 11.148  6.502   -16.443 1.00 49.92 ? 123 HOH B O     1 
HETATM 605 O  O     . HOH E 3 .  ? 10.197  1.209   -15.489 1.00 47.29 ? 124 HOH B O     1 
HETATM 606 O  O     . HOH E 3 .  ? 9.505   -0.861  -13.111 1.00 39.76 ? 125 HOH B O     1 
HETATM 607 O  O     . HOH E 3 .  ? -2.152  3.480   -23.494 1.00 75.92 ? 126 HOH B O     1 
HETATM 608 O  O     . HOH E 3 .  ? -2.459  -0.173  -22.803 1.00 61.68 ? 127 HOH B O     1 
HETATM 609 O  O     . HOH E 3 .  ? -1.518  0.070   -20.988 1.00 38.98 ? 128 HOH B O     1 
HETATM 610 O  O     . HOH E 3 .  ? -4.065  7.512   2.830   1.00 43.93 ? 131 HOH B O     1 
HETATM 611 O  O     . HOH E 3 .  ? -5.894  -1.344  1.214   1.00 50.92 ? 132 HOH B O     1 
HETATM 612 O  O     . HOH E 3 .  ? -3.278  -9.497  5.132   1.00 68.44 ? 133 HOH B O     1 
HETATM 613 O  O     . HOH E 3 .  ? -14.947 -5.296  10.713  1.00 67.86 ? 134 HOH B O     1 
HETATM 614 O  O     . HOH E 3 .  ? 8.019   11.778  -8.503  1.00 73.89 ? 135 HOH B O     1 
HETATM 615 O  O     . HOH E 3 .  ? 2.367   -11.167 8.681   1.00 69.94 ? 138 HOH B O     1 
HETATM 616 O  O     . HOH E 3 .  ? 1.609   0.677   -24.546 1.00 79.89 ? 143 HOH B O     1 
HETATM 617 O  O     . HOH E 3 .  ? 10.834  3.846   -15.214 1.00 41.87 ? 147 HOH B O     1 
HETATM 618 O  O     . HOH E 3 .  ? -5.937  -14.519 3.625   1.00 95.80 ? 149 HOH B O     1 
HETATM 619 O  O     . HOH E 3 .  ? -6.265  -15.659 0.804   1.00 92.76 ? 150 HOH B O     1 
HETATM 620 O  O     . HOH E 3 .  ? -2.899  8.825   7.505   1.00 64.35 ? 151 HOH B O     1 
HETATM 621 O  O     . HOH E 3 .  ? 9.175   12.746  -12.342 1.00 43.73 ? 152 HOH B O     1 
HETATM 622 O  O     . HOH E 3 .  ? 9.475   14.581  -14.173 1.00 41.81 ? 155 HOH B O     1 
HETATM 623 O  O     . HOH E 3 .  ? 11.482  11.325  -20.550 1.00 83.06 ? 159 HOH B O     1 
HETATM 624 O  O     . HOH E 3 .  ? -12.497 -2.884  10.563  1.00 66.81 ? 160 HOH B O     1 
# 
